data_7WZV
#
_entry.id   7WZV
#
_cell.length_a   65.280
_cell.length_b   93.579
_cell.length_c   108.146
_cell.angle_alpha   90.000
_cell.angle_beta   90.000
_cell.angle_gamma   90.000
#
_symmetry.space_group_name_H-M   'P 21 21 21'
#
loop_
_entity.id
_entity.type
_entity.pdbx_description
1 polymer '4Fe-4S cluster-binding domain-containing protein'
2 non-polymer 'IRON/SULFUR CLUSTER'
3 non-polymer S-ADENOSYLMETHIONINE
4 non-polymer (1~{S},2~{R},4~{S},5~{R})-2,4-bis(methylamino)-6-[(2~{S},3~{R},4~{S},6~{R})-6-methyl-3,4-bis(oxidanyl)oxan-2-yl]oxy-cyclohexane-1,3,5-triol
5 non-polymer 'SULFATE ION'
6 non-polymer 'SODIUM ION'
7 non-polymer GLYCEROL
8 non-polymer 'CHLORIDE ION'
9 non-polymer 1,2-ETHANEDIOL
10 water water
#
_entity_poly.entity_id   1
_entity_poly.type   'polypeptide(L)'
_entity_poly.pdbx_seq_one_letter_code
;MGSSHHHHHHSSGLVPRGSHMSVRLADGKVRNPEGIEVNASLQCNMRCQSCAHLSPLYRRENADPAEIHDTLSVLARSYH
ASYAKIMGGEPLLHPDVVGLIEAVRATGISDTVLVATNGTLLHRATERFWQAVDSLEISVYPSRMIAPEEIERYRVLARE
HGVSLLVNYYGHFRAVYSESGTDAPDLVRDVFDTCKLAHFWNSHTVYDGWLYRCPQSVFMPRQLRDGGWDPRVDGLRIED
DPAFLERLHRFLTADDPLRACRNCLGSVGKLHPHQELPRAGWQVTEQLAALVDYPFLKVCKDDITADDGCVERSLSAPVG
GA
;
_entity_poly.pdbx_strand_id   A,B
#
loop_
_chem_comp.id
_chem_comp.type
_chem_comp.name
_chem_comp.formula
7P8 non-polymer (1~{S},2~{R},4~{S},5~{R})-2,4-bis(methylamino)-6-[(2~{S},3~{R},4~{S},6~{R})-6-methyl-3,4-bis(oxidanyl)oxan-2-yl]oxy-cyclohexane-1,3,5-triol 'C14 H28 N2 O7'
CL non-polymer 'CHLORIDE ION' 'Cl -1'
EDO non-polymer 1,2-ETHANEDIOL 'C2 H6 O2'
GOL non-polymer GLYCEROL 'C3 H8 O3'
NA non-polymer 'SODIUM ION' 'Na 1'
SAM non-polymer S-ADENOSYLMETHIONINE 'C15 H22 N6 O5 S'
SF4 non-polymer 'IRON/SULFUR CLUSTER' 'Fe4 S4'
SO4 non-polymer 'SULFATE ION' 'O4 S -2'
#
# COMPACT_ATOMS: atom_id res chain seq x y z
N VAL A 23 8.84 11.91 -8.90
CA VAL A 23 8.90 13.34 -8.68
C VAL A 23 8.62 14.11 -9.96
N ARG A 24 7.76 15.12 -9.88
CA ARG A 24 7.32 15.83 -11.08
C ARG A 24 7.62 17.31 -10.93
N LEU A 25 7.73 18.00 -12.08
CA LEU A 25 7.81 19.45 -12.11
C LEU A 25 6.48 19.96 -12.64
N ALA A 26 5.76 20.72 -11.82
CA ALA A 26 4.43 21.16 -12.24
C ALA A 26 4.09 22.47 -11.56
N ASP A 27 3.58 23.41 -12.35
CA ASP A 27 2.94 24.60 -11.82
C ASP A 27 3.87 25.37 -10.87
N GLY A 28 5.15 25.41 -11.23
CA GLY A 28 6.14 26.16 -10.51
C GLY A 28 6.77 25.46 -9.32
N LYS A 29 6.41 24.19 -9.07
CA LYS A 29 6.98 23.49 -7.93
C LYS A 29 7.37 22.07 -8.30
N VAL A 30 8.39 21.56 -7.61
CA VAL A 30 8.71 20.15 -7.63
C VAL A 30 7.75 19.43 -6.69
N ARG A 31 7.04 18.44 -7.22
CA ARG A 31 6.02 17.70 -6.49
C ARG A 31 6.56 16.31 -6.16
N ASN A 32 6.53 15.96 -4.87
CA ASN A 32 6.93 14.65 -4.38
C ASN A 32 5.68 13.87 -3.97
N PRO A 33 5.35 12.76 -4.65
CA PRO A 33 4.17 11.98 -4.23
C PRO A 33 4.32 11.33 -2.88
N GLU A 34 5.51 11.30 -2.32
CA GLU A 34 5.76 10.74 -1.00
C GLU A 34 5.95 11.91 -0.01
N GLY A 35 6.98 11.92 0.83
CA GLY A 35 7.03 12.86 1.92
C GLY A 35 8.36 13.60 2.00
N ILE A 36 8.30 14.75 2.66
CA ILE A 36 9.49 15.47 3.08
C ILE A 36 9.71 15.14 4.55
N GLU A 37 10.94 14.77 4.91
CA GLU A 37 11.27 14.28 6.23
C GLU A 37 11.89 15.39 7.07
N VAL A 38 11.33 15.57 8.25
CA VAL A 38 11.74 16.57 9.23
C VAL A 38 12.10 15.79 10.48
N ASN A 39 13.36 15.83 10.86
CA ASN A 39 13.80 15.10 12.05
C ASN A 39 13.68 16.03 13.25
N ALA A 40 12.64 15.79 14.06
CA ALA A 40 12.43 16.56 15.29
C ALA A 40 13.60 16.40 16.24
N SER A 41 14.11 15.17 16.36
CA SER A 41 15.16 14.85 17.32
C SER A 41 16.15 13.92 16.63
N LEU A 42 17.43 14.26 16.69
CA LEU A 42 18.44 13.35 16.15
C LEU A 42 18.73 12.20 17.09
N GLN A 43 18.46 12.37 18.38
CA GLN A 43 18.70 11.35 19.39
C GLN A 43 17.51 10.40 19.48
N CYS A 44 17.73 9.29 20.18
CA CYS A 44 16.71 8.27 20.39
C CYS A 44 16.86 7.69 21.79
N ASN A 45 15.78 7.07 22.26
CA ASN A 45 15.87 6.32 23.51
C ASN A 45 16.18 4.85 23.26
N MET A 46 16.33 4.42 22.01
CA MET A 46 16.73 3.06 21.68
C MET A 46 18.08 3.07 20.95
N ARG A 47 18.65 1.87 20.78
CA ARG A 47 19.99 1.71 20.22
C ARG A 47 20.00 0.63 19.15
N CYS A 48 19.03 0.68 18.23
CA CYS A 48 18.88 -0.36 17.23
C CYS A 48 20.15 -0.53 16.41
N GLN A 49 20.58 -1.78 16.25
CA GLN A 49 21.62 -2.08 15.28
C GLN A 49 21.16 -1.64 13.89
N SER A 50 22.05 -0.97 13.17
CA SER A 50 21.83 -0.51 11.79
C SER A 50 20.77 0.58 11.68
N CYS A 51 20.55 1.38 12.72
CA CYS A 51 19.63 2.51 12.60
C CYS A 51 20.02 3.34 11.38
N ALA A 52 19.05 3.57 10.50
CA ALA A 52 19.32 4.26 9.23
C ALA A 52 19.76 5.69 9.41
N HIS A 53 19.42 6.33 10.54
CA HIS A 53 19.87 7.68 10.85
C HIS A 53 21.05 7.70 11.80
N LEU A 54 21.58 6.53 12.17
CA LEU A 54 22.66 6.41 13.15
C LEU A 54 22.32 7.13 14.45
N SER A 55 21.02 7.20 14.76
CA SER A 55 20.58 7.92 15.95
C SER A 55 21.23 7.46 17.25
N PRO A 56 21.53 6.17 17.47
CA PRO A 56 22.21 5.79 18.71
C PRO A 56 23.52 6.50 18.94
N LEU A 57 24.11 7.08 17.90
CA LEU A 57 25.37 7.80 18.03
C LEU A 57 25.19 9.30 18.28
N TYR A 58 23.97 9.82 18.26
CA TYR A 58 23.74 11.26 18.39
C TYR A 58 23.36 11.60 19.83
N ARG A 59 23.96 12.67 20.36
CA ARG A 59 23.41 13.22 21.58
C ARG A 59 22.23 14.14 21.27
N ARG A 60 21.61 14.64 22.33
CA ARG A 60 20.36 15.37 22.22
C ARG A 60 20.49 16.53 21.24
N GLU A 61 19.63 16.55 20.23
CA GLU A 61 19.55 17.69 19.31
C GLU A 61 18.12 17.77 18.79
N ASN A 62 17.37 18.75 19.29
CA ASN A 62 15.96 18.94 19.00
C ASN A 62 15.76 20.13 18.07
N ALA A 63 14.97 19.92 17.02
CA ALA A 63 14.77 20.93 16.00
C ALA A 63 14.03 22.14 16.57
N ASP A 64 14.39 23.32 16.06
CA ASP A 64 13.75 24.56 16.47
C ASP A 64 12.53 24.80 15.59
N PRO A 65 11.31 24.75 16.14
CA PRO A 65 10.11 24.90 15.30
C PRO A 65 10.08 26.18 14.48
N ALA A 66 10.55 27.30 15.05
CA ALA A 66 10.61 28.55 14.28
C ALA A 66 11.58 28.41 13.11
N GLU A 67 12.75 27.82 13.36
CA GLU A 67 13.73 27.62 12.29
C GLU A 67 13.19 26.71 11.21
N ILE A 68 12.59 25.60 11.61
CA ILE A 68 11.98 24.66 10.67
C ILE A 68 10.90 25.36 9.86
N HIS A 69 10.07 26.18 10.51
CA HIS A 69 9.03 26.90 9.78
C HIS A 69 9.64 27.83 8.74
N ASP A 70 10.68 28.58 9.12
CA ASP A 70 11.31 29.50 8.16
C ASP A 70 11.87 28.75 6.97
N THR A 71 12.65 27.69 7.24
CA THR A 71 13.31 26.95 6.17
C THR A 71 12.30 26.29 5.25
N LEU A 72 11.30 25.62 5.83
CA LEU A 72 10.29 24.95 5.02
C LEU A 72 9.39 25.96 4.32
N SER A 73 9.21 27.16 4.89
CA SER A 73 8.46 28.20 4.22
C SER A 73 9.17 28.63 2.94
N VAL A 74 10.49 28.78 3.01
CA VAL A 74 11.27 29.07 1.82
C VAL A 74 11.15 27.93 0.80
N LEU A 75 11.39 26.70 1.25
CA LEU A 75 11.35 25.54 0.35
C LEU A 75 9.97 25.34 -0.28
N ALA A 76 8.90 25.63 0.46
CA ALA A 76 7.53 25.39 -0.01
C ALA A 76 7.17 26.24 -1.22
N ARG A 77 7.85 27.38 -1.41
CA ARG A 77 7.62 28.19 -2.59
C ARG A 77 7.96 27.43 -3.87
N SER A 78 8.82 26.42 -3.79
CA SER A 78 9.26 25.66 -4.96
C SER A 78 9.03 24.16 -4.83
N TYR A 79 8.41 23.69 -3.76
CA TYR A 79 8.37 22.26 -3.47
C TYR A 79 7.10 21.93 -2.70
N HIS A 80 6.49 20.80 -3.04
CA HIS A 80 5.32 20.32 -2.32
C HIS A 80 5.35 18.80 -2.28
N ALA A 81 5.01 18.24 -1.13
CA ALA A 81 4.97 16.80 -0.95
C ALA A 81 3.58 16.37 -0.50
N SER A 82 3.28 15.09 -0.67
CA SER A 82 1.99 14.59 -0.19
C SER A 82 1.91 14.66 1.34
N TYR A 83 3.00 14.33 2.03
CA TYR A 83 3.00 14.42 3.47
C TYR A 83 4.36 14.89 3.95
N ALA A 84 4.35 15.41 5.18
CA ALA A 84 5.56 15.75 5.91
C ALA A 84 5.69 14.72 7.02
N LYS A 85 6.81 14.00 7.02
CA LYS A 85 7.09 12.96 8.00
C LYS A 85 7.97 13.55 9.10
N ILE A 86 7.39 13.78 10.27
CA ILE A 86 8.15 14.22 11.43
C ILE A 86 8.64 12.99 12.18
N MET A 87 9.96 12.85 12.27
CA MET A 87 10.57 11.64 12.78
C MET A 87 11.90 11.98 13.41
N GLY A 88 12.88 11.11 13.21
CA GLY A 88 14.25 11.48 13.48
C GLY A 88 15.00 10.29 14.00
N GLY A 89 15.56 10.45 15.19
CA GLY A 89 15.60 9.38 16.13
C GLY A 89 14.18 9.29 16.63
N GLU A 90 13.91 9.65 17.88
CA GLU A 90 12.54 9.49 18.40
C GLU A 90 11.88 10.85 18.57
N PRO A 91 10.92 11.22 17.71
CA PRO A 91 10.35 12.58 17.78
C PRO A 91 9.62 12.89 19.07
N LEU A 92 9.08 11.89 19.77
CA LEU A 92 8.38 12.18 21.02
C LEU A 92 9.33 12.64 22.12
N LEU A 93 10.63 12.54 21.92
CA LEU A 93 11.58 13.15 22.85
C LEU A 93 11.62 14.67 22.73
N HIS A 94 11.07 15.23 21.66
CA HIS A 94 11.11 16.66 21.45
C HIS A 94 10.29 17.40 22.52
N PRO A 95 10.78 18.54 23.02
CA PRO A 95 10.02 19.27 24.06
C PRO A 95 8.71 19.91 23.58
N ASP A 96 8.53 20.14 22.28
CA ASP A 96 7.33 20.81 21.75
C ASP A 96 6.96 20.19 20.40
N VAL A 97 6.63 18.90 20.41
CA VAL A 97 6.37 18.23 19.15
C VAL A 97 5.10 18.76 18.48
N VAL A 98 4.09 19.16 19.26
CA VAL A 98 2.89 19.73 18.65
C VAL A 98 3.22 21.06 17.98
N GLY A 99 4.05 21.87 18.62
CA GLY A 99 4.50 23.11 17.99
C GLY A 99 5.28 22.85 16.71
N LEU A 100 6.10 21.80 16.69
CA LEU A 100 6.81 21.47 15.46
C LEU A 100 5.84 20.98 14.38
N ILE A 101 4.88 20.16 14.77
CA ILE A 101 3.83 19.70 13.85
C ILE A 101 3.12 20.90 13.24
N GLU A 102 2.73 21.86 14.08
CA GLU A 102 1.99 23.02 13.57
C GLU A 102 2.89 23.93 12.74
N ALA A 103 4.17 24.05 13.10
CA ALA A 103 5.10 24.80 12.26
C ALA A 103 5.18 24.20 10.86
N VAL A 104 5.26 22.87 10.78
CA VAL A 104 5.32 22.22 9.49
C VAL A 104 4.01 22.44 8.74
N ARG A 105 2.87 22.27 9.41
CA ARG A 105 1.58 22.42 8.74
C ARG A 105 1.41 23.83 8.20
N ALA A 106 1.85 24.84 8.95
CA ALA A 106 1.64 26.23 8.55
C ALA A 106 2.39 26.59 7.27
N THR A 107 3.47 25.88 6.94
CA THR A 107 4.19 26.18 5.71
C THR A 107 3.41 25.76 4.47
N GLY A 108 2.43 24.87 4.63
CA GLY A 108 1.74 24.34 3.48
C GLY A 108 2.59 23.48 2.57
N ILE A 109 3.74 23.02 3.06
CA ILE A 109 4.64 22.25 2.22
C ILE A 109 4.07 20.87 1.88
N SER A 110 3.10 20.38 2.65
CA SER A 110 2.53 19.05 2.45
C SER A 110 1.02 19.08 2.62
N ASP A 111 0.35 18.03 2.13
CA ASP A 111 -1.09 17.89 2.33
C ASP A 111 -1.43 17.42 3.74
N THR A 112 -0.64 16.52 4.29
CA THR A 112 -0.88 16.00 5.63
C THR A 112 0.44 15.96 6.39
N VAL A 113 0.35 15.78 7.70
CA VAL A 113 1.51 15.72 8.57
C VAL A 113 1.49 14.40 9.32
N LEU A 114 2.57 13.64 9.19
CA LEU A 114 2.71 12.31 9.75
C LEU A 114 3.82 12.32 10.80
N VAL A 115 3.58 11.66 11.93
CA VAL A 115 4.62 11.44 12.93
C VAL A 115 4.94 9.95 12.94
N ALA A 116 6.23 9.62 12.90
CA ALA A 116 6.70 8.24 12.94
C ALA A 116 7.47 8.03 14.24
N THR A 117 7.03 7.05 15.03
CA THR A 117 7.52 6.91 16.39
C THR A 117 7.76 5.44 16.68
N ASN A 118 8.67 5.17 17.63
CA ASN A 118 8.84 3.80 18.11
C ASN A 118 7.80 3.42 19.15
N GLY A 119 6.88 4.34 19.49
CA GLY A 119 5.75 4.03 20.32
C GLY A 119 6.04 3.90 21.81
N THR A 120 7.32 3.83 22.20
CA THR A 120 7.64 3.62 23.60
C THR A 120 7.26 4.80 24.48
N LEU A 121 6.97 5.96 23.88
CA LEU A 121 6.54 7.13 24.65
C LEU A 121 5.15 7.61 24.27
N LEU A 122 4.43 6.90 23.40
CA LEU A 122 3.17 7.43 22.88
C LEU A 122 2.09 7.56 23.94
N HIS A 123 2.13 6.70 24.97
CA HIS A 123 1.19 6.77 26.07
C HIS A 123 1.36 8.01 26.93
N ARG A 124 2.47 8.74 26.77
CA ARG A 124 2.67 10.03 27.43
C ARG A 124 2.06 11.20 26.65
N ALA A 125 1.67 10.98 25.40
CA ALA A 125 1.19 12.09 24.56
C ALA A 125 -0.19 12.54 25.02
N THR A 126 -0.41 13.86 24.98
CA THR A 126 -1.68 14.46 25.40
C THR A 126 -2.66 14.53 24.24
N GLU A 127 -3.86 15.04 24.54
CA GLU A 127 -4.89 15.13 23.51
C GLU A 127 -4.52 16.13 22.41
N ARG A 128 -3.70 17.15 22.68
CA ARG A 128 -3.26 17.98 21.56
C ARG A 128 -2.37 17.25 20.59
N PHE A 129 -1.60 16.24 21.02
CA PHE A 129 -0.84 15.49 20.05
C PHE A 129 -1.78 14.78 19.09
N TRP A 130 -2.78 14.08 19.63
CA TRP A 130 -3.70 13.31 18.79
C TRP A 130 -4.55 14.22 17.93
N GLN A 131 -4.82 15.44 18.38
CA GLN A 131 -5.53 16.39 17.55
C GLN A 131 -4.64 16.96 16.45
N ALA A 132 -3.33 17.07 16.70
CA ALA A 132 -2.45 17.75 15.77
C ALA A 132 -2.05 16.88 14.57
N VAL A 133 -1.90 15.57 14.75
CA VAL A 133 -1.40 14.73 13.66
C VAL A 133 -2.53 14.32 12.74
N ASP A 134 -2.18 14.09 11.47
CA ASP A 134 -3.07 13.51 10.48
C ASP A 134 -2.90 12.00 10.39
N SER A 135 -1.67 11.54 10.50
CA SER A 135 -1.32 10.13 10.38
C SER A 135 -0.28 9.83 11.44
N LEU A 136 -0.25 8.58 11.88
CA LEU A 136 0.71 8.14 12.87
C LEU A 136 1.25 6.78 12.46
N GLU A 137 2.57 6.64 12.48
CA GLU A 137 3.21 5.38 12.15
C GLU A 137 4.05 4.93 13.34
N ILE A 138 3.72 3.77 13.90
CA ILE A 138 4.40 3.25 15.08
C ILE A 138 5.24 2.06 14.62
N SER A 139 6.53 2.13 14.86
CA SER A 139 7.43 1.02 14.61
C SER A 139 7.63 0.27 15.91
N VAL A 140 7.21 -1.00 15.95
CA VAL A 140 7.26 -1.80 17.18
C VAL A 140 8.39 -2.80 17.06
N TYR A 141 9.31 -2.77 18.00
CA TYR A 141 10.50 -3.59 17.92
C TYR A 141 10.51 -4.68 18.99
N PRO A 142 11.16 -5.82 18.70
CA PRO A 142 11.13 -6.95 19.63
C PRO A 142 11.54 -6.61 21.04
N SER A 143 12.54 -5.73 21.20
CA SER A 143 13.09 -5.41 22.52
C SER A 143 12.29 -4.34 23.27
N ARG A 144 11.35 -3.65 22.61
CA ARG A 144 10.47 -2.69 23.28
C ARG A 144 9.04 -2.93 22.82
N MET A 145 8.54 -4.11 23.13
CA MET A 145 7.23 -4.53 22.63
C MET A 145 6.12 -3.77 23.33
N ILE A 146 5.10 -3.42 22.54
CA ILE A 146 3.88 -2.80 23.03
C ILE A 146 2.78 -3.86 23.07
N ALA A 147 2.14 -4.01 24.23
CA ALA A 147 1.12 -5.04 24.39
C ALA A 147 -0.01 -4.84 23.40
N PRO A 148 -0.61 -5.92 22.89
CA PRO A 148 -1.66 -5.76 21.86
C PRO A 148 -2.82 -4.91 22.35
N GLU A 149 -3.11 -4.91 23.66
CA GLU A 149 -4.16 -4.07 24.21
C GLU A 149 -3.81 -2.59 24.13
N GLU A 150 -2.52 -2.27 24.27
CA GLU A 150 -2.10 -0.88 24.13
C GLU A 150 -2.16 -0.43 22.68
N ILE A 151 -1.77 -1.30 21.74
CA ILE A 151 -1.95 -1.02 20.32
C ILE A 151 -3.43 -0.83 20.00
N GLU A 152 -4.29 -1.66 20.58
CA GLU A 152 -5.73 -1.47 20.39
C GLU A 152 -6.19 -0.11 20.93
N ARG A 153 -5.69 0.29 22.09
CA ARG A 153 -6.01 1.63 22.61
C ARG A 153 -5.57 2.71 21.63
N TYR A 154 -4.38 2.55 21.05
CA TYR A 154 -3.92 3.51 20.05
C TYR A 154 -4.83 3.52 18.82
N ARG A 155 -5.30 2.35 18.40
CA ARG A 155 -6.22 2.32 17.27
C ARG A 155 -7.50 3.07 17.60
N VAL A 156 -8.01 2.89 18.82
CA VAL A 156 -9.23 3.58 19.24
C VAL A 156 -9.02 5.09 19.28
N LEU A 157 -7.88 5.52 19.83
CA LEU A 157 -7.55 6.95 19.86
C LEU A 157 -7.43 7.52 18.45
N ALA A 158 -6.85 6.75 17.53
CA ALA A 158 -6.68 7.22 16.15
C ALA A 158 -8.03 7.36 15.46
N ARG A 159 -8.90 6.35 15.60
CA ARG A 159 -10.25 6.45 15.06
C ARG A 159 -10.99 7.63 15.65
N GLU A 160 -10.85 7.83 16.97
CA GLU A 160 -11.55 8.94 17.64
C GLU A 160 -11.12 10.29 17.10
N HIS A 161 -9.85 10.44 16.71
CA HIS A 161 -9.32 11.72 16.28
C HIS A 161 -9.12 11.81 14.78
N GLY A 162 -9.65 10.86 14.01
CA GLY A 162 -9.48 10.89 12.57
C GLY A 162 -8.04 10.82 12.13
N VAL A 163 -7.23 9.97 12.76
CA VAL A 163 -5.81 9.82 12.45
C VAL A 163 -5.61 8.48 11.76
N SER A 164 -4.99 8.49 10.58
CA SER A 164 -4.64 7.25 9.89
C SER A 164 -3.50 6.58 10.65
N LEU A 165 -3.62 5.27 10.92
CA LEU A 165 -2.67 4.58 11.77
C LEU A 165 -2.03 3.40 11.05
N LEU A 166 -0.71 3.30 11.17
CA LEU A 166 0.04 2.14 10.70
C LEU A 166 0.99 1.72 11.82
N VAL A 167 0.96 0.43 12.14
CA VAL A 167 1.81 -0.15 13.18
C VAL A 167 2.59 -1.26 12.49
N ASN A 168 3.90 -1.10 12.41
CA ASN A 168 4.77 -2.10 11.78
C ASN A 168 5.58 -2.79 12.88
N TYR A 169 5.43 -4.11 12.95
CA TYR A 169 6.20 -4.96 13.85
C TYR A 169 7.40 -5.48 13.04
N TYR A 170 8.58 -5.00 13.43
CA TYR A 170 9.82 -5.31 12.75
C TYR A 170 10.44 -6.58 13.32
N GLY A 171 10.77 -7.52 12.45
CA GLY A 171 11.54 -8.69 12.85
C GLY A 171 13.01 -8.57 12.54
N HIS A 172 13.33 -7.84 11.47
CA HIS A 172 14.72 -7.68 11.03
C HIS A 172 14.96 -6.23 10.61
N PHE A 173 16.24 -5.87 10.58
CA PHE A 173 16.74 -4.67 9.92
C PHE A 173 17.77 -5.07 8.88
N ARG A 174 18.07 -4.17 7.96
CA ARG A 174 19.18 -4.40 7.03
C ARG A 174 20.32 -3.46 7.39
N ALA A 175 21.54 -3.94 7.17
CA ALA A 175 22.71 -3.11 7.38
C ALA A 175 22.63 -1.87 6.49
N VAL A 176 23.11 -0.74 7.01
CA VAL A 176 22.94 0.54 6.33
C VAL A 176 24.23 1.23 5.94
N TYR A 177 25.36 0.98 6.61
CA TYR A 177 26.55 1.78 6.34
C TYR A 177 27.77 1.08 6.91
N SER A 178 28.94 1.59 6.54
CA SER A 178 30.16 1.21 7.23
C SER A 178 31.19 2.32 7.18
N GLU A 179 32.00 2.41 8.24
CA GLU A 179 33.17 3.27 8.21
C GLU A 179 34.18 2.81 7.15
N SER A 180 34.20 1.52 6.82
CA SER A 180 35.07 0.99 5.76
C SER A 180 34.28 0.98 4.47
N GLY A 181 34.38 2.08 3.72
CA GLY A 181 33.66 2.22 2.47
C GLY A 181 34.32 1.46 1.33
N THR A 182 33.68 1.53 0.16
CA THR A 182 34.15 0.82 -1.02
C THR A 182 34.77 1.79 -2.02
N ASP A 183 35.76 1.28 -2.74
CA ASP A 183 36.35 1.97 -3.88
C ASP A 183 35.88 1.38 -5.20
N ALA A 184 34.87 0.52 -5.18
CA ALA A 184 34.40 -0.15 -6.38
C ALA A 184 33.25 0.65 -6.98
N PRO A 185 33.49 1.40 -8.06
CA PRO A 185 32.42 2.25 -8.60
C PRO A 185 31.21 1.47 -9.09
N ASP A 186 31.39 0.25 -9.61
CA ASP A 186 30.25 -0.54 -10.03
C ASP A 186 29.35 -0.90 -8.85
N LEU A 187 29.95 -1.21 -7.71
CA LEU A 187 29.15 -1.51 -6.52
C LEU A 187 28.38 -0.29 -6.07
N VAL A 188 29.03 0.87 -6.02
CA VAL A 188 28.33 2.11 -5.65
C VAL A 188 27.16 2.35 -6.59
N ARG A 189 27.39 2.17 -7.90
CA ARG A 189 26.32 2.35 -8.86
C ARG A 189 25.18 1.37 -8.64
N ASP A 190 25.49 0.10 -8.34
CA ASP A 190 24.42 -0.87 -8.11
C ASP A 190 23.62 -0.51 -6.86
N VAL A 191 24.31 -0.08 -5.80
CA VAL A 191 23.64 0.23 -4.54
C VAL A 191 22.77 1.47 -4.69
N PHE A 192 23.31 2.51 -5.34
CA PHE A 192 22.53 3.72 -5.58
C PHE A 192 21.36 3.43 -6.52
N ASP A 193 21.57 2.58 -7.53
CA ASP A 193 20.53 2.31 -8.51
C ASP A 193 19.36 1.55 -7.89
N THR A 194 19.62 0.73 -6.88
CA THR A 194 18.56 -0.01 -6.22
C THR A 194 18.11 0.64 -4.93
N CYS A 195 18.58 1.85 -4.64
CA CYS A 195 18.30 2.47 -3.36
C CYS A 195 16.87 2.98 -3.33
N LYS A 196 16.06 2.41 -2.43
CA LYS A 196 14.67 2.83 -2.32
C LYS A 196 14.56 4.28 -1.83
N LEU A 197 15.52 4.73 -1.01
CA LEU A 197 15.43 6.08 -0.49
C LEU A 197 15.64 7.12 -1.59
N ALA A 198 16.56 6.86 -2.51
CA ALA A 198 16.87 7.83 -3.55
C ALA A 198 15.82 7.85 -4.66
N HIS A 199 15.16 6.71 -4.92
CA HIS A 199 14.40 6.51 -6.16
C HIS A 199 12.94 6.12 -5.98
N PHE A 200 12.53 5.64 -4.81
CA PHE A 200 11.20 5.06 -4.67
C PHE A 200 10.47 5.71 -3.49
N TRP A 201 11.08 5.66 -2.32
CA TRP A 201 10.51 6.32 -1.15
C TRP A 201 10.69 7.83 -1.18
N ASN A 202 11.63 8.34 -1.99
CA ASN A 202 11.91 9.77 -2.08
C ASN A 202 12.12 10.37 -0.70
N SER A 203 13.11 9.83 0.01
CA SER A 203 13.29 10.14 1.41
C SER A 203 13.95 11.51 1.61
N HIS A 204 13.44 12.53 0.91
CA HIS A 204 14.00 13.87 0.97
C HIS A 204 14.03 14.37 2.41
N THR A 205 15.17 14.92 2.81
CA THR A 205 15.43 15.21 4.22
C THR A 205 15.86 16.66 4.33
N VAL A 206 15.22 17.42 5.22
CA VAL A 206 15.65 18.80 5.45
C VAL A 206 16.46 18.85 6.74
N TYR A 207 17.67 19.40 6.66
CA TYR A 207 18.50 19.56 7.85
C TYR A 207 19.31 20.84 7.77
N ASP A 208 19.13 21.70 8.76
CA ASP A 208 19.96 22.89 8.94
C ASP A 208 20.04 23.71 7.67
N GLY A 209 18.88 23.94 7.06
CA GLY A 209 18.80 24.79 5.90
C GLY A 209 19.21 24.16 4.59
N TRP A 210 19.52 22.86 4.58
CA TRP A 210 19.89 22.18 3.35
C TRP A 210 18.94 21.02 3.10
N LEU A 211 18.78 20.68 1.83
CA LEU A 211 17.96 19.55 1.43
C LEU A 211 18.86 18.41 0.95
N TYR A 212 18.48 17.19 1.31
CA TYR A 212 19.23 15.99 0.99
C TYR A 212 18.32 14.95 0.37
N ARG A 213 18.89 14.06 -0.45
CA ARG A 213 18.10 12.99 -1.05
C ARG A 213 17.68 11.93 -0.04
N CYS A 214 18.35 11.86 1.12
CA CYS A 214 18.16 10.71 1.99
C CYS A 214 18.72 11.10 3.33
N PRO A 215 18.27 10.48 4.41
CA PRO A 215 18.89 10.72 5.71
C PRO A 215 20.33 10.25 5.78
N GLN A 216 20.70 9.15 5.11
CA GLN A 216 22.06 8.64 5.23
C GLN A 216 23.10 9.68 4.80
N SER A 217 22.81 10.43 3.74
CA SER A 217 23.84 11.31 3.18
C SER A 217 24.16 12.48 4.10
N VAL A 218 23.28 12.84 5.03
CA VAL A 218 23.54 13.94 5.96
C VAL A 218 23.87 13.44 7.36
N PHE A 219 23.26 12.34 7.80
CA PHE A 219 23.40 11.91 9.19
C PHE A 219 24.49 10.87 9.42
N MET A 220 24.96 10.18 8.40
CA MET A 220 25.96 9.14 8.60
C MET A 220 27.38 9.71 8.56
N PRO A 221 27.73 10.58 7.61
CA PRO A 221 29.12 11.09 7.57
C PRO A 221 29.59 11.69 8.88
N ARG A 222 28.73 12.48 9.53
CA ARG A 222 29.11 13.16 10.77
C ARG A 222 29.44 12.19 11.89
N GLN A 223 29.00 10.94 11.80
CA GLN A 223 29.21 9.95 12.85
C GLN A 223 30.30 8.94 12.54
N LEU A 224 30.98 9.06 11.40
CA LEU A 224 32.16 8.24 11.17
C LEU A 224 33.30 8.71 12.06
N ARG A 225 33.99 7.77 12.69
CA ARG A 225 34.89 8.15 13.78
C ARG A 225 36.07 8.97 13.31
N ASP A 226 36.51 8.81 12.07
CA ASP A 226 37.55 9.69 11.53
C ASP A 226 37.04 11.08 11.15
N GLY A 227 35.78 11.39 11.41
CA GLY A 227 35.21 12.68 11.11
C GLY A 227 34.42 12.73 9.82
N GLY A 228 34.61 11.76 8.93
CA GLY A 228 33.86 11.72 7.68
C GLY A 228 34.23 12.88 6.77
N TRP A 229 33.20 13.48 6.17
CA TRP A 229 33.37 14.57 5.22
C TRP A 229 32.19 15.53 5.40
N ASP A 230 32.25 16.63 4.68
CA ASP A 230 31.18 17.62 4.69
C ASP A 230 29.96 17.11 3.93
N PRO A 231 28.86 16.74 4.61
CA PRO A 231 27.71 16.19 3.86
C PRO A 231 27.08 17.18 2.91
N ARG A 232 27.37 18.47 3.05
CA ARG A 232 26.77 19.44 2.14
C ARG A 232 27.22 19.23 0.70
N VAL A 233 28.30 18.45 0.48
CA VAL A 233 28.69 18.10 -0.88
C VAL A 233 27.56 17.34 -1.57
N ASP A 234 26.73 16.63 -0.80
CA ASP A 234 25.60 15.88 -1.33
C ASP A 234 24.27 16.59 -1.16
N GLY A 235 24.26 17.81 -0.64
CA GLY A 235 23.05 18.54 -0.36
C GLY A 235 22.80 19.71 -1.30
N LEU A 236 21.65 20.34 -1.11
CA LEU A 236 21.29 21.55 -1.85
C LEU A 236 20.86 22.62 -0.85
N ARG A 237 21.52 23.78 -0.90
CA ARG A 237 21.14 24.86 0.00
C ARG A 237 19.75 25.35 -0.38
N ILE A 238 18.87 25.45 0.61
CA ILE A 238 17.49 25.88 0.38
C ILE A 238 17.45 27.39 0.25
N GLU A 239 16.91 27.88 -0.86
CA GLU A 239 16.95 29.30 -1.18
C GLU A 239 15.72 29.73 -1.96
N ASP A 240 15.55 31.05 -2.04
CA ASP A 240 14.40 31.74 -2.61
C ASP A 240 14.60 32.26 -4.03
N ASP A 241 15.85 32.40 -4.47
CA ASP A 241 16.18 33.10 -5.71
C ASP A 241 15.48 32.49 -6.94
N PRO A 242 15.26 33.30 -7.99
CA PRO A 242 14.48 32.82 -9.14
C PRO A 242 15.03 31.57 -9.80
N ALA A 243 16.29 31.21 -9.58
CA ALA A 243 16.83 30.01 -10.19
C ALA A 243 16.87 28.84 -9.22
N PHE A 244 16.20 28.95 -8.06
CA PHE A 244 16.20 27.86 -7.11
C PHE A 244 15.43 26.66 -7.64
N LEU A 245 14.26 26.90 -8.23
CA LEU A 245 13.43 25.83 -8.74
C LEU A 245 14.22 24.87 -9.61
N GLU A 246 14.97 25.40 -10.56
CA GLU A 246 15.57 24.50 -11.51
C GLU A 246 16.70 23.72 -10.85
N ARG A 247 17.51 24.41 -10.04
CA ARG A 247 18.54 23.78 -9.21
C ARG A 247 17.95 22.64 -8.38
N LEU A 248 16.79 22.90 -7.76
CA LEU A 248 16.08 21.89 -6.99
C LEU A 248 15.69 20.71 -7.85
N HIS A 249 15.09 20.98 -9.01
CA HIS A 249 14.66 19.92 -9.92
C HIS A 249 15.84 19.06 -10.38
N ARG A 250 16.96 19.70 -10.69
CA ARG A 250 18.17 18.97 -11.09
C ARG A 250 18.72 18.14 -9.95
N PHE A 251 18.72 18.71 -8.74
CA PHE A 251 19.22 17.97 -7.57
C PHE A 251 18.37 16.76 -7.29
N LEU A 252 17.04 16.91 -7.34
CA LEU A 252 16.15 15.82 -7.00
C LEU A 252 15.99 14.81 -8.12
N THR A 253 16.34 15.17 -9.35
CA THR A 253 16.26 14.25 -10.48
C THR A 253 17.63 13.69 -10.88
N ALA A 254 18.72 14.21 -10.32
CA ALA A 254 20.04 13.74 -10.69
C ALA A 254 20.15 12.24 -10.41
N ASP A 255 20.82 11.52 -11.31
CA ASP A 255 20.91 10.07 -11.25
C ASP A 255 22.35 9.61 -11.12
N ASP A 256 23.18 10.39 -10.45
CA ASP A 256 24.53 9.95 -10.14
C ASP A 256 24.69 9.69 -8.65
N PRO A 257 25.44 8.67 -8.26
CA PRO A 257 25.61 8.37 -6.83
C PRO A 257 26.20 9.56 -6.08
N LEU A 258 25.79 9.68 -4.82
CA LEU A 258 26.30 10.71 -3.91
C LEU A 258 27.68 10.31 -3.40
N ARG A 259 28.38 11.28 -2.79
CA ARG A 259 29.60 10.93 -2.08
C ARG A 259 29.31 9.90 -1.00
N ALA A 260 28.17 10.04 -0.32
CA ALA A 260 27.83 9.16 0.79
C ALA A 260 27.57 7.72 0.35
N CYS A 261 27.14 7.48 -0.90
CA CYS A 261 26.85 6.11 -1.32
C CYS A 261 28.05 5.19 -1.20
N ARG A 262 29.26 5.75 -1.23
CA ARG A 262 30.44 4.89 -1.13
C ARG A 262 30.63 4.32 0.27
N ASN A 263 29.88 4.81 1.26
CA ASN A 263 29.89 4.23 2.60
C ASN A 263 28.53 3.73 3.03
N CYS A 264 27.61 3.56 2.08
CA CYS A 264 26.23 3.24 2.36
C CYS A 264 25.84 1.94 1.67
N LEU A 265 24.95 1.18 2.32
CA LEU A 265 24.37 -0.03 1.74
C LEU A 265 23.01 0.20 1.11
N GLY A 266 22.50 1.44 1.14
CA GLY A 266 21.23 1.73 0.51
C GLY A 266 20.12 0.86 1.04
N SER A 267 19.42 0.19 0.12
CA SER A 267 18.33 -0.70 0.45
C SER A 267 18.70 -2.17 0.33
N VAL A 268 19.97 -2.49 0.11
CA VAL A 268 20.36 -3.87 -0.16
C VAL A 268 21.37 -4.37 0.87
N GLY A 269 21.32 -3.82 2.09
CA GLY A 269 22.18 -4.30 3.15
C GLY A 269 21.73 -5.67 3.64
N LYS A 270 22.69 -6.43 4.19
CA LYS A 270 22.39 -7.76 4.67
C LYS A 270 21.36 -7.73 5.80
N LEU A 271 20.42 -8.66 5.73
CA LEU A 271 19.34 -8.75 6.70
C LEU A 271 19.85 -9.35 8.00
N HIS A 272 19.36 -8.83 9.12
CA HIS A 272 19.73 -9.38 10.41
C HIS A 272 18.56 -9.21 11.35
N PRO A 273 18.43 -10.07 12.37
CA PRO A 273 17.34 -9.88 13.34
C PRO A 273 17.45 -8.52 14.02
N HIS A 274 16.31 -7.89 14.25
CA HIS A 274 16.34 -6.60 14.91
C HIS A 274 16.79 -6.79 16.36
N GLN A 275 17.74 -5.96 16.78
CA GLN A 275 18.24 -6.00 18.13
C GLN A 275 18.83 -4.63 18.44
N GLU A 276 18.91 -4.32 19.72
CA GLU A 276 19.67 -3.18 20.18
C GLU A 276 21.06 -3.64 20.61
N LEU A 277 22.02 -2.73 20.55
CA LEU A 277 23.40 -3.00 20.89
C LEU A 277 23.85 -1.95 21.90
N PRO A 278 24.88 -2.25 22.69
CA PRO A 278 25.47 -1.21 23.55
C PRO A 278 26.02 -0.07 22.71
N ARG A 279 26.03 1.13 23.30
CA ARG A 279 26.64 2.26 22.61
C ARG A 279 28.12 2.00 22.31
N ALA A 280 28.81 1.35 23.25
CA ALA A 280 30.23 1.08 23.06
C ALA A 280 30.41 0.05 21.95
N GLY A 281 31.12 0.43 20.89
CA GLY A 281 31.33 -0.40 19.73
C GLY A 281 30.18 -0.47 18.76
N TRP A 282 29.17 0.40 18.91
CA TRP A 282 28.02 0.39 18.00
C TRP A 282 28.45 0.60 16.55
N GLN A 283 29.50 1.40 16.34
CA GLN A 283 29.90 1.76 14.99
C GLN A 283 30.26 0.52 14.18
N VAL A 284 30.08 0.64 12.87
CA VAL A 284 30.27 -0.46 11.94
C VAL A 284 31.61 -0.29 11.24
N THR A 285 32.44 -1.34 11.26
CA THR A 285 33.72 -1.30 10.59
C THR A 285 33.90 -2.34 9.49
N GLU A 286 33.04 -3.34 9.40
CA GLU A 286 33.23 -4.35 8.37
C GLU A 286 33.19 -3.71 6.99
N GLN A 287 34.06 -4.18 6.09
CA GLN A 287 34.13 -3.58 4.77
C GLN A 287 32.78 -3.68 4.08
N LEU A 288 32.41 -2.61 3.38
CA LEU A 288 31.06 -2.45 2.85
C LEU A 288 30.65 -3.62 1.95
N ALA A 289 31.58 -4.09 1.11
CA ALA A 289 31.26 -5.15 0.17
C ALA A 289 30.83 -6.45 0.88
N ALA A 290 31.29 -6.66 2.11
CA ALA A 290 30.89 -7.82 2.88
C ALA A 290 29.49 -7.73 3.44
N LEU A 291 28.89 -6.54 3.43
CA LEU A 291 27.59 -6.32 4.05
C LEU A 291 26.46 -6.23 3.04
N VAL A 292 26.75 -6.38 1.75
CA VAL A 292 25.71 -6.36 0.74
C VAL A 292 25.03 -7.72 0.68
N ASP A 293 23.70 -7.71 0.67
CA ASP A 293 22.89 -8.90 0.42
C ASP A 293 22.80 -9.04 -1.10
N TYR A 294 23.75 -9.78 -1.68
CA TYR A 294 23.87 -9.84 -3.14
C TYR A 294 22.67 -10.51 -3.83
N PRO A 295 22.07 -11.57 -3.26
CA PRO A 295 20.81 -12.07 -3.86
C PRO A 295 19.70 -11.05 -3.87
N PHE A 296 19.51 -10.35 -2.74
CA PHE A 296 18.48 -9.31 -2.68
C PHE A 296 18.82 -8.16 -3.61
N LEU A 297 20.11 -7.88 -3.80
CA LEU A 297 20.51 -6.87 -4.77
C LEU A 297 20.06 -7.25 -6.17
N LYS A 298 20.18 -8.53 -6.53
CA LYS A 298 19.66 -8.97 -7.83
C LYS A 298 18.14 -8.79 -7.90
N VAL A 299 17.44 -9.22 -6.85
CA VAL A 299 15.98 -9.09 -6.79
C VAL A 299 15.57 -7.64 -6.98
N CYS A 300 16.23 -6.72 -6.26
CA CYS A 300 15.89 -5.29 -6.35
C CYS A 300 16.34 -4.69 -7.67
N LYS A 301 17.38 -5.26 -8.28
CA LYS A 301 17.77 -4.81 -9.62
C LYS A 301 16.64 -5.06 -10.60
N ASP A 302 15.89 -6.14 -10.38
CA ASP A 302 14.76 -6.38 -11.28
C ASP A 302 13.51 -5.60 -10.86
N ASP A 303 13.24 -5.50 -9.56
CA ASP A 303 12.08 -4.77 -9.03
C ASP A 303 12.54 -3.94 -7.84
N ILE A 304 12.67 -2.62 -8.03
CA ILE A 304 13.16 -1.76 -6.96
C ILE A 304 12.20 -1.73 -5.75
N THR A 305 10.94 -2.08 -5.94
CA THR A 305 9.96 -2.06 -4.85
C THR A 305 9.93 -3.34 -4.03
N ALA A 306 10.75 -4.34 -4.34
CA ALA A 306 10.70 -5.61 -3.65
C ALA A 306 10.74 -5.43 -2.14
N ASP A 307 9.88 -6.16 -1.44
CA ASP A 307 9.78 -6.01 0.00
C ASP A 307 11.12 -6.34 0.65
N ASP A 308 11.50 -5.54 1.64
CA ASP A 308 12.83 -5.67 2.24
C ASP A 308 12.89 -6.73 3.33
N GLY A 309 11.75 -7.34 3.67
CA GLY A 309 11.76 -8.41 4.65
C GLY A 309 11.94 -7.95 6.08
N CYS A 310 11.85 -6.65 6.34
CA CYS A 310 12.08 -6.13 7.67
C CYS A 310 10.82 -6.11 8.51
N VAL A 311 9.66 -5.89 7.92
CA VAL A 311 8.42 -5.83 8.66
C VAL A 311 7.85 -7.24 8.69
N GLU A 312 7.64 -7.77 9.88
CA GLU A 312 7.08 -9.10 10.03
C GLU A 312 5.56 -9.07 10.11
N ARG A 313 4.99 -8.08 10.78
CA ARG A 313 3.54 -8.00 10.89
C ARG A 313 3.14 -6.53 10.86
N SER A 314 2.02 -6.21 10.23
CA SER A 314 1.58 -4.82 10.19
C SER A 314 0.08 -4.71 10.45
N LEU A 315 -0.29 -3.72 11.25
CA LEU A 315 -1.70 -3.40 11.51
C LEU A 315 -1.97 -2.03 10.89
N SER A 316 -2.99 -1.97 10.05
CA SER A 316 -3.37 -0.73 9.37
C SER A 316 -4.80 -0.38 9.75
N ALA A 317 -5.01 0.88 10.16
CA ALA A 317 -6.35 1.41 10.44
C ALA A 317 -6.47 2.76 9.74
N PRO A 318 -6.92 2.75 8.48
CA PRO A 318 -7.00 4.00 7.73
C PRO A 318 -8.26 4.74 8.09
N VAL A 319 -8.37 5.96 7.56
CA VAL A 319 -9.50 6.83 7.85
C VAL A 319 -10.26 7.03 6.56
N GLY A 320 -11.57 6.77 6.59
CA GLY A 320 -12.37 6.89 5.38
C GLY A 320 -12.28 8.29 4.80
N GLY A 321 -12.14 8.36 3.48
CA GLY A 321 -11.91 9.62 2.81
C GLY A 321 -10.46 10.06 2.74
N ALA A 322 -9.56 9.43 3.51
CA ALA A 322 -8.14 9.78 3.45
C ALA A 322 -7.49 9.15 2.22
N VAL B 23 -2.27 0.55 -15.70
CA VAL B 23 -2.13 -0.52 -16.67
C VAL B 23 -1.18 -0.08 -17.77
N ARG B 24 -0.19 -0.91 -18.12
CA ARG B 24 0.79 -0.50 -19.13
C ARG B 24 0.90 -1.57 -20.21
N LEU B 25 1.39 -1.18 -21.38
CA LEU B 25 1.72 -2.14 -22.43
C LEU B 25 3.24 -2.21 -22.53
N ALA B 26 3.80 -3.41 -22.31
CA ALA B 26 5.23 -3.58 -22.30
C ALA B 26 5.57 -4.99 -22.77
N ASP B 27 6.58 -5.08 -23.64
CA ASP B 27 7.16 -6.36 -24.05
C ASP B 27 6.09 -7.30 -24.58
N GLY B 28 5.13 -6.75 -25.33
CA GLY B 28 4.15 -7.57 -25.99
C GLY B 28 2.96 -7.97 -25.15
N LYS B 29 2.85 -7.50 -23.91
CA LYS B 29 1.71 -7.85 -23.08
C LYS B 29 1.19 -6.62 -22.37
N VAL B 30 -0.11 -6.62 -22.09
CA VAL B 30 -0.70 -5.67 -21.16
C VAL B 30 -0.37 -6.12 -19.74
N ARG B 31 0.28 -5.24 -18.99
CA ARG B 31 0.74 -5.51 -17.64
C ARG B 31 -0.21 -4.81 -16.67
N ASN B 32 -0.80 -5.61 -15.78
CA ASN B 32 -1.66 -5.13 -14.73
C ASN B 32 -0.89 -5.19 -13.43
N PRO B 33 -0.62 -4.06 -12.79
CA PRO B 33 0.11 -4.09 -11.52
C PRO B 33 -0.67 -4.75 -10.39
N GLU B 34 -1.99 -4.92 -10.54
CA GLU B 34 -2.83 -5.52 -9.50
C GLU B 34 -3.18 -6.94 -9.92
N GLY B 35 -4.45 -7.35 -9.92
CA GLY B 35 -4.78 -8.75 -10.09
C GLY B 35 -5.81 -8.97 -11.19
N ILE B 36 -5.80 -10.20 -11.69
CA ILE B 36 -6.87 -10.72 -12.53
C ILE B 36 -7.72 -11.62 -11.64
N GLU B 37 -9.03 -11.44 -11.67
CA GLU B 37 -9.95 -12.07 -10.75
C GLU B 37 -10.62 -13.26 -11.41
N VAL B 38 -10.56 -14.40 -10.72
CA VAL B 38 -11.12 -15.67 -11.12
C VAL B 38 -12.10 -16.10 -10.04
N ASN B 39 -13.39 -16.18 -10.38
CA ASN B 39 -14.37 -16.56 -9.38
C ASN B 39 -14.58 -18.07 -9.40
N ALA B 40 -14.02 -18.72 -8.39
CA ALA B 40 -14.16 -20.16 -8.22
C ALA B 40 -15.62 -20.55 -8.07
N SER B 41 -16.37 -19.77 -7.29
CA SER B 41 -17.76 -20.07 -6.98
C SER B 41 -18.56 -18.78 -7.01
N LEU B 42 -19.65 -18.77 -7.78
CA LEU B 42 -20.53 -17.61 -7.77
C LEU B 42 -21.39 -17.55 -6.53
N GLN B 43 -21.63 -18.70 -5.89
CA GLN B 43 -22.43 -18.78 -4.70
C GLN B 43 -21.58 -18.49 -3.46
N CYS B 44 -22.26 -18.30 -2.33
CA CYS B 44 -21.60 -17.99 -1.08
C CYS B 44 -22.39 -18.61 0.05
N ASN B 45 -21.73 -18.75 1.21
CA ASN B 45 -22.45 -19.19 2.40
C ASN B 45 -22.94 -18.01 3.25
N MET B 46 -22.67 -16.77 2.85
CA MET B 46 -23.17 -15.60 3.55
C MET B 46 -24.08 -14.77 2.66
N ARG B 47 -24.75 -13.80 3.28
CA ARG B 47 -25.78 -13.03 2.59
C ARG B 47 -25.56 -11.55 2.83
N CYS B 48 -24.32 -11.09 2.70
CA CYS B 48 -23.99 -9.71 3.01
C CYS B 48 -24.83 -8.74 2.20
N GLN B 49 -25.40 -7.77 2.89
CA GLN B 49 -26.00 -6.65 2.19
C GLN B 49 -24.96 -6.01 1.28
N SER B 50 -25.36 -5.71 0.05
CA SER B 50 -24.53 -5.00 -0.93
C SER B 50 -23.31 -5.79 -1.40
N CYS B 51 -23.36 -7.12 -1.38
CA CYS B 51 -22.24 -7.88 -1.94
C CYS B 51 -21.98 -7.44 -3.38
N ALA B 52 -20.73 -7.06 -3.66
CA ALA B 52 -20.40 -6.50 -4.96
C ALA B 52 -20.53 -7.50 -6.09
N HIS B 53 -20.49 -8.81 -5.81
CA HIS B 53 -20.72 -9.83 -6.82
C HIS B 53 -22.14 -10.34 -6.80
N LEU B 54 -23.00 -9.77 -5.95
CA LEU B 54 -24.38 -10.21 -5.78
C LEU B 54 -24.45 -11.70 -5.51
N SER B 55 -23.41 -12.23 -4.84
CA SER B 55 -23.33 -13.68 -4.61
C SER B 55 -24.55 -14.28 -3.90
N PRO B 56 -25.19 -13.62 -2.93
CA PRO B 56 -26.39 -14.21 -2.31
C PRO B 56 -27.51 -14.52 -3.30
N LEU B 57 -27.46 -13.97 -4.51
CA LEU B 57 -28.49 -14.23 -5.49
C LEU B 57 -28.15 -15.40 -6.43
N TYR B 58 -26.98 -16.02 -6.25
CA TYR B 58 -26.52 -17.08 -7.15
C TYR B 58 -26.65 -18.45 -6.51
N ARG B 59 -27.13 -19.41 -7.30
CA ARG B 59 -27.09 -20.83 -6.97
C ARG B 59 -25.68 -21.37 -7.22
N ARG B 60 -25.45 -22.63 -6.87
CA ARG B 60 -24.13 -23.23 -6.99
C ARG B 60 -23.59 -23.12 -8.42
N GLU B 61 -22.41 -22.54 -8.58
CA GLU B 61 -21.74 -22.55 -9.88
C GLU B 61 -20.23 -22.48 -9.65
N ASN B 62 -19.56 -23.61 -9.85
CA ASN B 62 -18.13 -23.74 -9.59
C ASN B 62 -17.36 -23.85 -10.89
N ALA B 63 -16.32 -23.05 -11.03
CA ALA B 63 -15.54 -22.98 -12.25
C ALA B 63 -14.81 -24.30 -12.50
N ASP B 64 -14.71 -24.67 -13.78
CA ASP B 64 -14.02 -25.89 -14.16
C ASP B 64 -12.54 -25.61 -14.33
N PRO B 65 -11.65 -26.27 -13.57
CA PRO B 65 -10.22 -25.95 -13.67
C PRO B 65 -9.65 -26.04 -15.08
N ALA B 66 -10.06 -27.04 -15.87
CA ALA B 66 -9.54 -27.16 -17.23
C ALA B 66 -9.97 -25.98 -18.11
N GLU B 67 -11.26 -25.62 -18.05
CA GLU B 67 -11.74 -24.51 -18.87
C GLU B 67 -11.05 -23.21 -18.47
N ILE B 68 -10.93 -22.98 -17.16
CA ILE B 68 -10.21 -21.81 -16.66
C ILE B 68 -8.77 -21.82 -17.18
N HIS B 69 -8.12 -22.99 -17.17
CA HIS B 69 -6.75 -23.06 -17.66
C HIS B 69 -6.67 -22.68 -19.12
N ASP B 70 -7.58 -23.21 -19.94
CA ASP B 70 -7.58 -22.90 -21.37
C ASP B 70 -7.75 -21.39 -21.61
N THR B 71 -8.78 -20.81 -20.97
CA THR B 71 -9.08 -19.40 -21.18
C THR B 71 -7.95 -18.49 -20.72
N LEU B 72 -7.40 -18.79 -19.54
CA LEU B 72 -6.31 -17.96 -19.04
C LEU B 72 -5.02 -18.18 -19.83
N SER B 73 -4.82 -19.38 -20.39
CA SER B 73 -3.67 -19.59 -21.24
C SER B 73 -3.76 -18.72 -22.49
N VAL B 74 -4.95 -18.59 -23.06
CA VAL B 74 -5.10 -17.68 -24.19
C VAL B 74 -4.83 -16.24 -23.75
N LEU B 75 -5.48 -15.78 -22.68
CA LEU B 75 -5.30 -14.40 -22.25
C LEU B 75 -3.84 -14.10 -21.88
N ALA B 76 -3.13 -15.09 -21.32
CA ALA B 76 -1.78 -14.87 -20.82
C ALA B 76 -0.79 -14.51 -21.91
N ARG B 77 -1.05 -14.92 -23.15
CA ARG B 77 -0.13 -14.56 -24.24
C ARG B 77 -0.04 -13.05 -24.41
N SER B 78 -1.07 -12.32 -24.01
CA SER B 78 -1.14 -10.88 -24.23
C SER B 78 -1.30 -10.10 -22.94
N TYR B 79 -1.25 -10.77 -21.79
CA TYR B 79 -1.63 -10.16 -20.53
C TYR B 79 -0.87 -10.82 -19.38
N HIS B 80 -0.41 -10.01 -18.46
CA HIS B 80 0.22 -10.50 -17.24
C HIS B 80 -0.17 -9.60 -16.09
N ALA B 81 -0.50 -10.20 -14.95
CA ALA B 81 -0.88 -9.47 -13.76
C ALA B 81 0.06 -9.86 -12.61
N SER B 82 0.13 -8.98 -11.60
CA SER B 82 0.97 -9.28 -10.45
C SER B 82 0.43 -10.49 -9.69
N TYR B 83 -0.89 -10.60 -9.55
CA TYR B 83 -1.46 -11.76 -8.87
C TYR B 83 -2.76 -12.17 -9.55
N ALA B 84 -3.14 -13.41 -9.33
CA ALA B 84 -4.45 -13.92 -9.71
C ALA B 84 -5.25 -14.12 -8.44
N LYS B 85 -6.38 -13.41 -8.33
CA LYS B 85 -7.21 -13.45 -7.13
C LYS B 85 -8.32 -14.46 -7.37
N ILE B 86 -8.20 -15.62 -6.72
CA ILE B 86 -9.23 -16.65 -6.77
C ILE B 86 -10.24 -16.34 -5.66
N MET B 87 -11.49 -16.14 -6.05
CA MET B 87 -12.48 -15.65 -5.11
C MET B 87 -13.86 -16.09 -5.54
N GLY B 88 -14.83 -15.21 -5.39
CA GLY B 88 -16.11 -15.40 -6.03
C GLY B 88 -17.19 -14.81 -5.18
N GLY B 89 -18.15 -15.66 -4.85
CA GLY B 89 -18.75 -15.64 -3.55
C GLY B 89 -17.66 -16.22 -2.69
N GLU B 90 -17.84 -17.46 -2.22
CA GLU B 90 -16.88 -18.07 -1.31
C GLU B 90 -16.08 -19.16 -2.03
N PRO B 91 -14.82 -18.93 -2.39
CA PRO B 91 -14.08 -19.96 -3.14
C PRO B 91 -13.87 -21.25 -2.38
N LEU B 92 -13.90 -21.23 -1.05
CA LEU B 92 -13.72 -22.48 -0.33
C LEU B 92 -14.92 -23.41 -0.46
N LEU B 93 -16.01 -22.95 -1.07
CA LEU B 93 -17.13 -23.82 -1.44
C LEU B 93 -16.82 -24.69 -2.65
N HIS B 94 -15.78 -24.36 -3.40
CA HIS B 94 -15.42 -25.12 -4.58
C HIS B 94 -14.99 -26.53 -4.19
N PRO B 95 -15.42 -27.56 -4.94
CA PRO B 95 -15.01 -28.93 -4.58
C PRO B 95 -13.54 -29.22 -4.77
N ASP B 96 -12.82 -28.44 -5.59
CA ASP B 96 -11.39 -28.72 -5.85
C ASP B 96 -10.66 -27.40 -6.04
N VAL B 97 -10.61 -26.59 -4.97
CA VAL B 97 -10.00 -25.27 -5.08
C VAL B 97 -8.49 -25.40 -5.35
N VAL B 98 -7.84 -26.45 -4.85
CA VAL B 98 -6.42 -26.63 -5.13
C VAL B 98 -6.20 -26.91 -6.61
N GLY B 99 -7.06 -27.73 -7.22
CA GLY B 99 -6.95 -27.94 -8.66
C GLY B 99 -7.14 -26.66 -9.44
N LEU B 100 -8.06 -25.80 -9.00
CA LEU B 100 -8.24 -24.52 -9.69
C LEU B 100 -7.02 -23.62 -9.50
N ILE B 101 -6.47 -23.59 -8.28
CA ILE B 101 -5.25 -22.83 -8.02
C ILE B 101 -4.16 -23.27 -8.98
N GLU B 102 -3.96 -24.58 -9.12
CA GLU B 102 -2.88 -25.07 -9.98
C GLU B 102 -3.17 -24.84 -11.46
N ALA B 103 -4.45 -24.92 -11.86
CA ALA B 103 -4.81 -24.58 -13.23
C ALA B 103 -4.45 -23.13 -13.53
N VAL B 104 -4.72 -22.23 -12.59
CA VAL B 104 -4.36 -20.84 -12.78
C VAL B 104 -2.85 -20.67 -12.80
N ARG B 105 -2.14 -21.29 -11.85
CA ARG B 105 -0.69 -21.15 -11.77
C ARG B 105 -0.01 -21.62 -13.05
N ALA B 106 -0.54 -22.68 -13.66
CA ALA B 106 0.07 -23.28 -14.84
C ALA B 106 0.07 -22.34 -16.05
N THR B 107 -0.83 -21.36 -16.09
CA THR B 107 -0.87 -20.42 -17.21
C THR B 107 0.26 -19.41 -17.17
N GLY B 108 0.87 -19.19 -16.00
CA GLY B 108 1.85 -18.13 -15.91
C GLY B 108 1.27 -16.75 -16.06
N ILE B 109 -0.05 -16.60 -15.93
CA ILE B 109 -0.69 -15.30 -16.13
C ILE B 109 -0.35 -14.31 -15.02
N SER B 110 0.09 -14.79 -13.86
CA SER B 110 0.34 -13.92 -12.73
C SER B 110 1.65 -14.32 -12.06
N ASP B 111 2.20 -13.41 -11.26
CA ASP B 111 3.40 -13.75 -10.48
C ASP B 111 3.04 -14.64 -9.30
N THR B 112 1.92 -14.38 -8.64
CA THR B 112 1.47 -15.17 -7.50
C THR B 112 -0.01 -15.46 -7.65
N VAL B 113 -0.49 -16.40 -6.84
CA VAL B 113 -1.90 -16.77 -6.80
C VAL B 113 -2.41 -16.55 -5.39
N LEU B 114 -3.48 -15.76 -5.29
CA LEU B 114 -4.09 -15.35 -4.04
C LEU B 114 -5.51 -15.89 -3.95
N VAL B 115 -5.89 -16.40 -2.78
CA VAL B 115 -7.26 -16.83 -2.51
C VAL B 115 -7.86 -15.84 -1.51
N ALA B 116 -9.06 -15.34 -1.82
CA ALA B 116 -9.77 -14.39 -0.98
C ALA B 116 -11.02 -15.06 -0.42
N THR B 117 -11.14 -15.11 0.90
CA THR B 117 -12.17 -15.91 1.56
C THR B 117 -12.77 -15.15 2.72
N ASN B 118 -14.02 -15.47 3.07
CA ASN B 118 -14.65 -14.93 4.28
C ASN B 118 -14.23 -15.71 5.53
N GLY B 119 -13.36 -16.70 5.39
CA GLY B 119 -12.76 -17.37 6.52
C GLY B 119 -13.62 -18.36 7.25
N THR B 120 -14.94 -18.40 6.99
CA THR B 120 -15.80 -19.29 7.76
C THR B 120 -15.56 -20.75 7.46
N LEU B 121 -14.89 -21.08 6.34
CA LEU B 121 -14.64 -22.47 6.00
C LEU B 121 -13.16 -22.82 6.06
N LEU B 122 -12.32 -21.89 6.51
CA LEU B 122 -10.89 -22.12 6.49
C LEU B 122 -10.48 -23.23 7.45
N HIS B 123 -11.28 -23.48 8.51
CA HIS B 123 -10.98 -24.57 9.42
C HIS B 123 -11.07 -25.93 8.73
N ARG B 124 -11.75 -26.02 7.59
CA ARG B 124 -11.79 -27.24 6.80
C ARG B 124 -10.60 -27.37 5.85
N ALA B 125 -9.80 -26.33 5.69
CA ALA B 125 -8.74 -26.37 4.69
C ALA B 125 -7.66 -27.36 5.10
N THR B 126 -7.19 -28.13 4.13
CA THR B 126 -6.19 -29.16 4.31
C THR B 126 -4.81 -28.57 4.10
N GLU B 127 -3.76 -29.37 4.38
CA GLU B 127 -2.41 -28.87 4.14
C GLU B 127 -2.14 -28.67 2.66
N ARG B 128 -2.89 -29.35 1.80
CA ARG B 128 -2.77 -29.15 0.36
C ARG B 128 -3.11 -27.71 -0.02
N PHE B 129 -4.11 -27.15 0.64
CA PHE B 129 -4.48 -25.77 0.37
C PHE B 129 -3.37 -24.82 0.81
N TRP B 130 -2.84 -25.03 2.00
CA TRP B 130 -1.80 -24.14 2.49
C TRP B 130 -0.54 -24.24 1.66
N GLN B 131 -0.28 -25.41 1.07
CA GLN B 131 0.87 -25.54 0.17
C GLN B 131 0.58 -24.94 -1.21
N ALA B 132 -0.69 -24.91 -1.63
CA ALA B 132 -1.02 -24.50 -2.98
C ALA B 132 -1.03 -22.98 -3.17
N VAL B 133 -1.43 -22.20 -2.14
CA VAL B 133 -1.59 -20.76 -2.31
C VAL B 133 -0.26 -20.05 -2.04
N ASP B 134 -0.09 -18.91 -2.69
CA ASP B 134 1.00 -17.99 -2.39
C ASP B 134 0.58 -16.95 -1.37
N SER B 135 -0.67 -16.52 -1.43
CA SER B 135 -1.20 -15.49 -0.56
C SER B 135 -2.64 -15.84 -0.17
N LEU B 136 -3.04 -15.39 1.00
CA LEU B 136 -4.40 -15.63 1.48
C LEU B 136 -4.92 -14.32 2.04
N GLU B 137 -6.14 -13.95 1.63
CA GLU B 137 -6.80 -12.74 2.10
C GLU B 137 -8.11 -13.17 2.76
N ILE B 138 -8.25 -12.88 4.04
CA ILE B 138 -9.45 -13.25 4.81
C ILE B 138 -10.21 -11.98 5.13
N SER B 139 -11.48 -11.93 4.72
CA SER B 139 -12.38 -10.85 5.10
C SER B 139 -13.21 -11.31 6.30
N VAL B 140 -13.10 -10.59 7.41
CA VAL B 140 -13.75 -10.95 8.67
C VAL B 140 -14.95 -10.04 8.88
N TYR B 141 -16.14 -10.64 8.98
CA TYR B 141 -17.34 -9.84 9.07
C TYR B 141 -17.98 -9.98 10.44
N PRO B 142 -18.66 -8.92 10.93
CA PRO B 142 -19.24 -8.96 12.29
C PRO B 142 -20.15 -10.15 12.55
N SER B 143 -20.97 -10.53 11.57
CA SER B 143 -21.95 -11.58 11.81
C SER B 143 -21.35 -12.99 11.75
N ARG B 144 -20.10 -13.13 11.27
CA ARG B 144 -19.38 -14.39 11.26
C ARG B 144 -17.95 -14.08 11.71
N MET B 145 -17.82 -13.65 12.95
CA MET B 145 -16.53 -13.18 13.42
C MET B 145 -15.62 -14.40 13.61
N ILE B 146 -14.36 -14.24 13.23
CA ILE B 146 -13.37 -15.29 13.38
C ILE B 146 -12.62 -14.99 14.66
N ALA B 147 -12.67 -15.93 15.61
CA ALA B 147 -12.07 -15.69 16.91
C ALA B 147 -10.57 -15.46 16.75
N PRO B 148 -9.97 -14.58 17.55
CA PRO B 148 -8.53 -14.29 17.37
C PRO B 148 -7.63 -15.50 17.49
N GLU B 149 -8.01 -16.53 18.25
CA GLU B 149 -7.13 -17.70 18.33
C GLU B 149 -7.04 -18.42 16.99
N GLU B 150 -8.16 -18.45 16.25
CA GLU B 150 -8.14 -19.08 14.94
C GLU B 150 -7.35 -18.23 13.94
N ILE B 151 -7.47 -16.90 14.02
CA ILE B 151 -6.65 -16.01 13.22
C ILE B 151 -5.16 -16.21 13.51
N GLU B 152 -4.81 -16.38 14.79
CA GLU B 152 -3.44 -16.66 15.16
C GLU B 152 -2.94 -17.97 14.57
N ARG B 153 -3.77 -19.01 14.62
CA ARG B 153 -3.41 -20.28 13.99
C ARG B 153 -3.16 -20.09 12.50
N TYR B 154 -4.00 -19.28 11.84
CA TYR B 154 -3.79 -19.01 10.42
C TYR B 154 -2.50 -18.24 10.19
N ARG B 155 -2.15 -17.31 11.08
CA ARG B 155 -0.91 -16.58 10.89
C ARG B 155 0.28 -17.54 10.94
N VAL B 156 0.23 -18.47 11.90
CA VAL B 156 1.30 -19.44 12.06
C VAL B 156 1.35 -20.40 10.88
N LEU B 157 0.19 -20.87 10.43
CA LEU B 157 0.14 -21.74 9.25
C LEU B 157 0.69 -21.03 8.02
N ALA B 158 0.39 -19.74 7.88
CA ALA B 158 0.90 -19.00 6.74
C ALA B 158 2.41 -18.87 6.82
N ARG B 159 2.94 -18.52 7.99
CA ARG B 159 4.40 -18.46 8.13
C ARG B 159 5.04 -19.80 7.79
N GLU B 160 4.45 -20.89 8.28
CA GLU B 160 5.02 -22.22 8.06
C GLU B 160 5.09 -22.58 6.59
N HIS B 161 4.13 -22.11 5.80
CA HIS B 161 4.03 -22.48 4.39
C HIS B 161 4.47 -21.38 3.43
N GLY B 162 5.08 -20.32 3.94
CA GLY B 162 5.51 -19.25 3.06
C GLY B 162 4.34 -18.59 2.34
N VAL B 163 3.24 -18.35 3.06
CA VAL B 163 2.05 -17.73 2.50
C VAL B 163 1.92 -16.34 3.09
N SER B 164 1.81 -15.34 2.21
CA SER B 164 1.48 -14.00 2.65
C SER B 164 0.05 -13.98 3.14
N LEU B 165 -0.17 -13.33 4.28
CA LEU B 165 -1.51 -13.34 4.88
C LEU B 165 -1.98 -11.90 5.06
N LEU B 166 -3.24 -11.67 4.70
CA LEU B 166 -3.90 -10.39 4.92
C LEU B 166 -5.26 -10.70 5.54
N VAL B 167 -5.57 -10.02 6.63
CA VAL B 167 -6.85 -10.18 7.34
C VAL B 167 -7.50 -8.80 7.45
N ASN B 168 -8.66 -8.62 6.82
CA ASN B 168 -9.37 -7.36 6.85
C ASN B 168 -10.65 -7.49 7.69
N TYR B 169 -10.75 -6.65 8.73
CA TYR B 169 -11.93 -6.54 9.59
C TYR B 169 -12.78 -5.37 9.10
N TYR B 170 -13.94 -5.71 8.53
CA TYR B 170 -14.88 -4.77 7.93
C TYR B 170 -15.93 -4.31 8.94
N GLY B 171 -16.14 -3.00 9.04
CA GLY B 171 -17.27 -2.49 9.79
C GLY B 171 -18.45 -2.10 8.92
N HIS B 172 -18.18 -1.70 7.67
CA HIS B 172 -19.23 -1.21 6.79
C HIS B 172 -19.01 -1.72 5.37
N PHE B 173 -20.10 -1.71 4.59
CA PHE B 173 -20.06 -1.86 3.15
C PHE B 173 -20.68 -0.63 2.51
N ARG B 174 -20.44 -0.44 1.21
CA ARG B 174 -21.13 0.60 0.46
C ARG B 174 -22.12 -0.03 -0.51
N ALA B 175 -23.23 0.66 -0.75
CA ALA B 175 -24.19 0.20 -1.74
C ALA B 175 -23.52 0.06 -3.10
N VAL B 176 -23.94 -0.94 -3.89
CA VAL B 176 -23.23 -1.24 -5.13
C VAL B 176 -24.09 -1.08 -6.37
N TYR B 177 -25.41 -1.24 -6.25
CA TYR B 177 -26.26 -1.29 -7.44
C TYR B 177 -27.71 -1.07 -7.06
N SER B 178 -28.53 -0.86 -8.09
CA SER B 178 -29.97 -0.87 -7.91
C SER B 178 -30.63 -1.30 -9.21
N GLU B 179 -31.76 -1.99 -9.07
CA GLU B 179 -32.60 -2.29 -10.23
C GLU B 179 -33.18 -1.01 -10.84
N SER B 180 -33.32 0.05 -10.05
CA SER B 180 -33.78 1.35 -10.55
C SER B 180 -32.56 2.19 -10.91
N GLY B 181 -32.15 2.11 -12.16
CA GLY B 181 -30.99 2.84 -12.61
C GLY B 181 -31.28 4.31 -12.85
N THR B 182 -30.25 5.02 -13.28
CA THR B 182 -30.35 6.44 -13.54
C THR B 182 -30.32 6.69 -15.04
N ASP B 183 -31.04 7.73 -15.45
CA ASP B 183 -31.03 8.23 -16.83
C ASP B 183 -30.16 9.47 -16.96
N ALA B 184 -29.43 9.82 -15.91
CA ALA B 184 -28.66 11.06 -15.90
C ALA B 184 -27.24 10.79 -16.37
N PRO B 185 -26.87 11.21 -17.58
CA PRO B 185 -25.52 10.90 -18.08
C PRO B 185 -24.40 11.49 -17.24
N ASP B 186 -24.61 12.65 -16.62
CA ASP B 186 -23.57 13.24 -15.77
C ASP B 186 -23.31 12.37 -14.54
N LEU B 187 -24.37 11.82 -13.95
CA LEU B 187 -24.19 10.96 -12.78
C LEU B 187 -23.43 9.69 -13.16
N VAL B 188 -23.83 9.05 -14.26
CA VAL B 188 -23.12 7.85 -14.71
C VAL B 188 -21.66 8.18 -14.97
N ARG B 189 -21.41 9.32 -15.61
CA ARG B 189 -20.03 9.74 -15.90
C ARG B 189 -19.23 9.88 -14.62
N ASP B 190 -19.82 10.52 -13.61
CA ASP B 190 -19.11 10.75 -12.36
C ASP B 190 -18.84 9.44 -11.62
N VAL B 191 -19.82 8.53 -11.63
CA VAL B 191 -19.67 7.26 -10.94
C VAL B 191 -18.58 6.43 -11.62
N PHE B 192 -18.60 6.38 -12.95
CA PHE B 192 -17.56 5.63 -13.66
C PHE B 192 -16.19 6.26 -13.48
N ASP B 193 -16.11 7.60 -13.47
CA ASP B 193 -14.82 8.28 -13.38
C ASP B 193 -14.15 8.05 -12.04
N THR B 194 -14.93 7.89 -10.97
CA THR B 194 -14.41 7.70 -9.64
C THR B 194 -14.40 6.24 -9.24
N CYS B 195 -14.69 5.33 -10.16
CA CYS B 195 -14.83 3.93 -9.80
C CYS B 195 -13.46 3.31 -9.60
N LYS B 196 -13.19 2.86 -8.36
CA LYS B 196 -11.92 2.23 -8.05
C LYS B 196 -11.75 0.92 -8.80
N LEU B 197 -12.84 0.22 -9.10
CA LEU B 197 -12.73 -1.05 -9.79
C LEU B 197 -12.24 -0.84 -11.22
N ALA B 198 -12.72 0.21 -11.88
CA ALA B 198 -12.34 0.42 -13.27
C ALA B 198 -10.94 1.02 -13.40
N HIS B 199 -10.53 1.84 -12.43
CA HIS B 199 -9.42 2.75 -12.62
C HIS B 199 -8.26 2.61 -11.65
N PHE B 200 -8.45 1.96 -10.50
CA PHE B 200 -7.43 1.97 -9.46
C PHE B 200 -7.10 0.54 -9.02
N TRP B 201 -8.13 -0.19 -8.58
CA TRP B 201 -7.96 -1.60 -8.22
C TRP B 201 -7.82 -2.50 -9.43
N ASN B 202 -8.24 -2.05 -10.61
CA ASN B 202 -8.15 -2.81 -11.85
C ASN B 202 -8.77 -4.20 -11.68
N SER B 203 -10.07 -4.21 -11.37
CA SER B 203 -10.75 -5.44 -10.98
C SER B 203 -11.10 -6.28 -12.20
N HIS B 204 -10.13 -6.46 -13.10
CA HIS B 204 -10.35 -7.25 -14.30
C HIS B 204 -10.82 -8.64 -13.92
N THR B 205 -11.90 -9.08 -14.54
CA THR B 205 -12.63 -10.28 -14.14
C THR B 205 -12.78 -11.19 -15.32
N VAL B 206 -12.39 -12.46 -15.17
CA VAL B 206 -12.59 -13.45 -16.21
C VAL B 206 -13.83 -14.25 -15.88
N TYR B 207 -14.77 -14.33 -16.81
CA TYR B 207 -15.93 -15.19 -16.61
C TYR B 207 -16.34 -15.81 -17.93
N ASP B 208 -16.37 -17.13 -17.98
CA ASP B 208 -16.99 -17.85 -19.10
C ASP B 208 -16.41 -17.40 -20.44
N GLY B 209 -15.09 -17.34 -20.51
CA GLY B 209 -14.42 -17.01 -21.75
C GLY B 209 -14.40 -15.53 -22.12
N TRP B 210 -14.94 -14.65 -21.27
CA TRP B 210 -14.96 -13.23 -21.54
C TRP B 210 -14.25 -12.47 -20.42
N LEU B 211 -13.68 -11.33 -20.79
CA LEU B 211 -13.00 -10.46 -19.84
C LEU B 211 -13.83 -9.21 -19.59
N TYR B 212 -13.86 -8.78 -18.33
CA TYR B 212 -14.65 -7.63 -17.90
C TYR B 212 -13.78 -6.70 -17.07
N ARG B 213 -14.19 -5.42 -17.02
CA ARG B 213 -13.50 -4.42 -16.22
C ARG B 213 -13.72 -4.60 -14.72
N CYS B 214 -14.77 -5.32 -14.32
CA CYS B 214 -15.26 -5.32 -12.95
C CYS B 214 -16.20 -6.50 -12.81
N PRO B 215 -16.37 -7.01 -11.59
CA PRO B 215 -17.39 -8.04 -11.37
C PRO B 215 -18.82 -7.55 -11.57
N GLN B 216 -19.10 -6.27 -11.24
CA GLN B 216 -20.48 -5.77 -11.34
C GLN B 216 -21.01 -5.85 -12.76
N SER B 217 -20.17 -5.57 -13.75
CA SER B 217 -20.65 -5.50 -15.13
C SER B 217 -21.04 -6.87 -15.68
N VAL B 218 -20.53 -7.95 -15.09
CA VAL B 218 -20.88 -9.28 -15.56
C VAL B 218 -21.87 -9.99 -14.63
N PHE B 219 -21.81 -9.75 -13.32
CA PHE B 219 -22.60 -10.49 -12.36
C PHE B 219 -23.90 -9.80 -11.96
N MET B 220 -24.03 -8.51 -12.23
CA MET B 220 -25.26 -7.82 -11.83
C MET B 220 -26.34 -7.81 -12.91
N PRO B 221 -26.03 -7.57 -14.20
CA PRO B 221 -27.12 -7.41 -15.19
C PRO B 221 -28.09 -8.58 -15.26
N ARG B 222 -27.59 -9.81 -15.33
CA ARG B 222 -28.49 -10.97 -15.32
C ARG B 222 -29.21 -11.17 -14.00
N GLN B 223 -28.85 -10.46 -12.93
CA GLN B 223 -29.57 -10.58 -11.67
C GLN B 223 -30.59 -9.48 -11.45
N LEU B 224 -30.74 -8.56 -12.40
CA LEU B 224 -31.83 -7.61 -12.32
C LEU B 224 -33.13 -8.34 -12.65
N ARG B 225 -34.14 -8.15 -11.81
CA ARG B 225 -35.32 -9.02 -11.89
C ARG B 225 -36.12 -8.81 -13.17
N ASP B 226 -36.01 -7.65 -13.82
CA ASP B 226 -36.63 -7.54 -15.14
C ASP B 226 -35.83 -8.29 -16.22
N GLY B 227 -34.76 -8.99 -15.84
CA GLY B 227 -33.94 -9.75 -16.76
C GLY B 227 -32.67 -9.05 -17.22
N GLY B 228 -32.62 -7.72 -17.14
CA GLY B 228 -31.41 -7.00 -17.48
C GLY B 228 -31.05 -7.15 -18.95
N TRP B 229 -29.76 -7.40 -19.19
CA TRP B 229 -29.23 -7.50 -20.54
C TRP B 229 -28.10 -8.52 -20.56
N ASP B 230 -27.61 -8.81 -21.75
CA ASP B 230 -26.47 -9.69 -21.95
C ASP B 230 -25.20 -8.98 -21.53
N PRO B 231 -24.56 -9.36 -20.43
CA PRO B 231 -23.37 -8.61 -19.97
C PRO B 231 -22.21 -8.60 -20.94
N ARG B 232 -22.22 -9.47 -21.96
CA ARG B 232 -21.13 -9.48 -22.93
C ARG B 232 -21.06 -8.19 -23.74
N VAL B 233 -22.11 -7.37 -23.72
CA VAL B 233 -21.99 -6.05 -24.34
C VAL B 233 -20.88 -5.24 -23.69
N ASP B 234 -20.58 -5.50 -22.42
CA ASP B 234 -19.51 -4.80 -21.70
C ASP B 234 -18.23 -5.61 -21.61
N GLY B 235 -18.17 -6.76 -22.28
CA GLY B 235 -17.03 -7.64 -22.17
C GLY B 235 -16.17 -7.66 -23.43
N LEU B 236 -15.06 -8.40 -23.32
CA LEU B 236 -14.14 -8.63 -24.42
C LEU B 236 -13.93 -10.12 -24.50
N ARG B 237 -14.27 -10.73 -25.64
CA ARG B 237 -14.10 -12.17 -25.78
C ARG B 237 -12.63 -12.56 -25.83
N ILE B 238 -12.24 -13.50 -24.99
CA ILE B 238 -10.86 -13.97 -24.95
C ILE B 238 -10.68 -15.00 -26.05
N GLU B 239 -9.86 -14.68 -27.04
CA GLU B 239 -9.73 -15.52 -28.23
C GLU B 239 -8.40 -15.22 -28.90
N ASP B 240 -8.10 -16.04 -29.91
CA ASP B 240 -6.83 -15.96 -30.65
C ASP B 240 -6.91 -14.97 -31.80
N ASP B 241 -7.60 -13.86 -31.58
CA ASP B 241 -7.75 -12.86 -32.62
C ASP B 241 -6.35 -12.38 -33.03
N PRO B 242 -6.12 -12.15 -34.32
CA PRO B 242 -4.77 -11.73 -34.73
C PRO B 242 -4.36 -10.40 -34.13
N ALA B 243 -5.34 -9.59 -33.72
CA ALA B 243 -5.14 -8.30 -33.07
C ALA B 243 -5.52 -8.32 -31.60
N PHE B 244 -5.51 -9.48 -30.94
CA PHE B 244 -6.06 -9.52 -29.59
C PHE B 244 -5.33 -8.56 -28.66
N LEU B 245 -4.00 -8.47 -28.78
CA LEU B 245 -3.27 -7.52 -27.93
C LEU B 245 -3.87 -6.12 -27.99
N GLU B 246 -4.10 -5.61 -29.20
CA GLU B 246 -4.59 -4.23 -29.34
C GLU B 246 -6.03 -4.10 -28.86
N ARG B 247 -6.89 -5.04 -29.24
CA ARG B 247 -8.24 -5.07 -28.71
C ARG B 247 -8.24 -5.10 -27.19
N LEU B 248 -7.38 -5.92 -26.60
CA LEU B 248 -7.27 -6.02 -25.15
C LEU B 248 -6.89 -4.68 -24.55
N HIS B 249 -5.85 -4.04 -25.10
CA HIS B 249 -5.39 -2.77 -24.57
C HIS B 249 -6.49 -1.70 -24.69
N ARG B 250 -7.20 -1.68 -25.81
CA ARG B 250 -8.25 -0.68 -25.98
C ARG B 250 -9.40 -0.92 -24.99
N PHE B 251 -9.75 -2.19 -24.78
CA PHE B 251 -10.82 -2.50 -23.84
C PHE B 251 -10.43 -2.11 -22.42
N LEU B 252 -9.19 -2.41 -22.02
CA LEU B 252 -8.79 -2.18 -20.64
C LEU B 252 -8.46 -0.72 -20.36
N THR B 253 -8.20 0.09 -21.39
CA THR B 253 -7.95 1.51 -21.19
C THR B 253 -9.12 2.39 -21.55
N ALA B 254 -10.22 1.81 -22.05
CA ALA B 254 -11.36 2.59 -22.49
C ALA B 254 -11.88 3.46 -21.36
N ASP B 255 -12.29 4.68 -21.71
CA ASP B 255 -12.71 5.66 -20.71
C ASP B 255 -14.15 6.10 -20.92
N ASP B 256 -15.00 5.22 -21.44
CA ASP B 256 -16.42 5.55 -21.48
C ASP B 256 -17.18 4.60 -20.56
N PRO B 257 -18.22 5.08 -19.89
CA PRO B 257 -18.94 4.22 -18.96
C PRO B 257 -19.49 2.98 -19.63
N LEU B 258 -19.54 1.89 -18.88
CA LEU B 258 -20.17 0.69 -19.38
C LEU B 258 -21.68 0.84 -19.32
N ARG B 259 -22.38 -0.04 -20.03
CA ARG B 259 -23.83 -0.09 -19.89
C ARG B 259 -24.21 -0.34 -18.44
N ALA B 260 -23.44 -1.21 -17.78
CA ALA B 260 -23.76 -1.60 -16.41
C ALA B 260 -23.60 -0.45 -15.44
N CYS B 261 -22.75 0.54 -15.73
CA CYS B 261 -22.61 1.67 -14.80
C CYS B 261 -23.93 2.36 -14.59
N ARG B 262 -24.87 2.26 -15.54
CA ARG B 262 -26.14 2.95 -15.34
C ARG B 262 -26.97 2.35 -14.21
N ASN B 263 -26.61 1.15 -13.74
CA ASN B 263 -27.29 0.54 -12.60
C ASN B 263 -26.32 0.32 -11.45
N CYS B 264 -25.17 1.00 -11.48
CA CYS B 264 -24.09 0.73 -10.55
C CYS B 264 -23.74 1.97 -9.77
N LEU B 265 -23.34 1.76 -8.52
CA LEU B 265 -22.82 2.85 -7.69
C LEU B 265 -21.30 2.92 -7.68
N GLY B 266 -20.63 2.06 -8.43
CA GLY B 266 -19.16 2.13 -8.47
C GLY B 266 -18.58 2.02 -7.08
N SER B 267 -17.73 2.99 -6.74
CA SER B 267 -17.07 3.05 -5.43
C SER B 267 -17.65 4.14 -4.53
N VAL B 268 -18.77 4.76 -4.93
CA VAL B 268 -19.31 5.89 -4.17
C VAL B 268 -20.73 5.62 -3.67
N GLY B 269 -21.07 4.36 -3.44
CA GLY B 269 -22.34 4.04 -2.83
C GLY B 269 -22.38 4.42 -1.37
N LYS B 270 -23.59 4.67 -0.88
CA LYS B 270 -23.77 5.06 0.52
C LYS B 270 -23.26 4.00 1.49
N LEU B 271 -22.59 4.47 2.54
CA LEU B 271 -21.99 3.61 3.54
C LEU B 271 -23.06 3.10 4.51
N HIS B 272 -22.94 1.83 4.90
CA HIS B 272 -23.87 1.26 5.86
C HIS B 272 -23.14 0.21 6.69
N PRO B 273 -23.59 -0.04 7.92
CA PRO B 273 -22.96 -1.09 8.74
C PRO B 273 -23.04 -2.44 8.03
N HIS B 274 -21.97 -3.22 8.13
CA HIS B 274 -22.00 -4.52 7.47
C HIS B 274 -23.02 -5.43 8.15
N GLN B 275 -23.85 -6.07 7.35
CA GLN B 275 -24.86 -6.96 7.90
C GLN B 275 -25.29 -7.93 6.82
N GLU B 276 -25.78 -9.09 7.25
CA GLU B 276 -26.39 -10.02 6.33
C GLU B 276 -27.89 -9.79 6.30
N LEU B 277 -28.50 -10.13 5.17
CA LEU B 277 -29.93 -9.94 4.99
C LEU B 277 -30.56 -11.26 4.58
N PRO B 278 -31.85 -11.46 4.84
CA PRO B 278 -32.53 -12.64 4.29
C PRO B 278 -32.51 -12.62 2.77
N ARG B 279 -32.55 -13.82 2.20
CA ARG B 279 -32.60 -13.95 0.74
C ARG B 279 -33.82 -13.25 0.17
N ALA B 280 -34.95 -13.31 0.88
CA ALA B 280 -36.19 -12.72 0.39
C ALA B 280 -36.09 -11.21 0.37
N GLY B 281 -36.24 -10.61 -0.80
CA GLY B 281 -36.16 -9.16 -0.90
C GLY B 281 -34.77 -8.58 -0.82
N TRP B 282 -33.73 -9.41 -0.95
CA TRP B 282 -32.36 -8.92 -0.89
C TRP B 282 -32.09 -7.86 -1.94
N GLN B 283 -32.68 -8.01 -3.13
CA GLN B 283 -32.39 -7.11 -4.25
C GLN B 283 -32.73 -5.67 -3.89
N VAL B 284 -32.02 -4.73 -4.53
CA VAL B 284 -32.16 -3.30 -4.25
C VAL B 284 -32.99 -2.67 -5.36
N THR B 285 -34.04 -1.93 -4.98
CA THR B 285 -34.90 -1.26 -5.96
C THR B 285 -34.95 0.26 -5.80
N GLU B 286 -34.45 0.83 -4.71
CA GLU B 286 -34.49 2.27 -4.55
C GLU B 286 -33.69 2.94 -5.66
N GLN B 287 -34.16 4.09 -6.13
CA GLN B 287 -33.53 4.75 -7.26
C GLN B 287 -32.06 5.06 -6.97
N LEU B 288 -31.21 4.82 -7.97
CA LEU B 288 -29.76 4.86 -7.81
C LEU B 288 -29.29 6.21 -7.28
N ALA B 289 -29.86 7.30 -7.78
CA ALA B 289 -29.43 8.63 -7.37
C ALA B 289 -29.58 8.85 -5.88
N ALA B 290 -30.51 8.15 -5.23
CA ALA B 290 -30.68 8.27 -3.78
C ALA B 290 -29.63 7.52 -2.99
N LEU B 291 -28.89 6.61 -3.62
CA LEU B 291 -27.93 5.74 -2.95
C LEU B 291 -26.49 6.21 -3.12
N VAL B 292 -26.28 7.34 -3.79
CA VAL B 292 -24.93 7.89 -3.92
C VAL B 292 -24.55 8.65 -2.66
N ASP B 293 -23.32 8.44 -2.20
CA ASP B 293 -22.70 9.22 -1.13
C ASP B 293 -22.08 10.44 -1.80
N TYR B 294 -22.83 11.53 -1.88
CA TYR B 294 -22.37 12.66 -2.69
C TYR B 294 -21.14 13.37 -2.13
N PRO B 295 -21.02 13.58 -0.81
CA PRO B 295 -19.75 14.11 -0.28
C PRO B 295 -18.56 13.23 -0.62
N PHE B 296 -18.72 11.92 -0.48
CA PHE B 296 -17.62 11.02 -0.83
C PHE B 296 -17.34 11.05 -2.32
N LEU B 297 -18.37 11.22 -3.14
CA LEU B 297 -18.15 11.37 -4.58
C LEU B 297 -17.27 12.58 -4.86
N LYS B 298 -17.50 13.69 -4.17
CA LYS B 298 -16.63 14.85 -4.35
C LYS B 298 -15.20 14.54 -3.94
N VAL B 299 -15.04 13.88 -2.79
CA VAL B 299 -13.71 13.49 -2.32
C VAL B 299 -13.01 12.62 -3.38
N CYS B 300 -13.72 11.63 -3.91
CA CYS B 300 -13.13 10.69 -4.86
C CYS B 300 -12.86 11.35 -6.21
N LYS B 301 -13.61 12.41 -6.53
CA LYS B 301 -13.29 13.19 -7.71
C LYS B 301 -11.94 13.84 -7.54
N ASP B 302 -11.61 14.25 -6.31
CA ASP B 302 -10.29 14.85 -6.13
C ASP B 302 -9.19 13.80 -5.99
N ASP B 303 -9.46 12.72 -5.27
CA ASP B 303 -8.48 11.63 -5.08
C ASP B 303 -9.21 10.30 -5.24
N ILE B 304 -9.00 9.65 -6.38
CA ILE B 304 -9.70 8.39 -6.64
C ILE B 304 -9.29 7.29 -5.66
N THR B 305 -8.14 7.42 -4.99
CA THR B 305 -7.72 6.42 -4.02
C THR B 305 -8.30 6.65 -2.62
N ALA B 306 -9.13 7.66 -2.42
CA ALA B 306 -9.66 7.96 -1.09
C ALA B 306 -10.22 6.72 -0.43
N ASP B 307 -9.85 6.50 0.84
CA ASP B 307 -10.26 5.28 1.52
C ASP B 307 -11.77 5.20 1.62
N ASP B 308 -12.31 3.99 1.40
CA ASP B 308 -13.75 3.81 1.31
C ASP B 308 -14.43 3.69 2.68
N GLY B 309 -13.66 3.66 3.77
CA GLY B 309 -14.25 3.63 5.10
C GLY B 309 -14.85 2.32 5.52
N CYS B 310 -14.62 1.24 4.78
CA CYS B 310 -15.22 -0.05 5.08
C CYS B 310 -14.38 -0.93 6.00
N VAL B 311 -13.06 -0.80 5.94
CA VAL B 311 -12.17 -1.63 6.72
C VAL B 311 -11.84 -0.91 8.04
N GLU B 312 -12.14 -1.55 9.15
CA GLU B 312 -11.80 -0.99 10.46
C GLU B 312 -10.41 -1.41 10.89
N ARG B 313 -9.98 -2.62 10.53
CA ARG B 313 -8.60 -2.96 10.86
C ARG B 313 -8.06 -3.90 9.80
N SER B 314 -6.79 -3.72 9.44
CA SER B 314 -6.16 -4.57 8.43
C SER B 314 -4.84 -5.10 8.97
N LEU B 315 -4.67 -6.42 8.93
CA LEU B 315 -3.49 -7.09 9.44
C LEU B 315 -2.73 -7.73 8.29
N SER B 316 -1.43 -7.46 8.22
CA SER B 316 -0.58 -7.95 7.14
C SER B 316 0.59 -8.75 7.73
N ALA B 317 0.84 -9.94 7.18
CA ALA B 317 2.01 -10.74 7.52
C ALA B 317 2.63 -11.12 6.18
N PRO B 318 3.52 -10.28 5.68
CA PRO B 318 4.07 -10.45 4.33
C PRO B 318 5.24 -11.43 4.28
N VAL B 319 5.71 -11.67 3.05
CA VAL B 319 6.80 -12.59 2.76
C VAL B 319 6.48 -13.97 3.31
FE1 SF4 C . 15.65 4.87 17.34
FE2 SF4 C . 16.88 4.41 15.02
FE3 SF4 C . 14.13 4.34 15.21
FE4 SF4 C . 15.70 2.43 16.39
S1 SF4 C . 15.52 2.84 14.15
S2 SF4 C . 13.90 3.47 17.32
S3 SF4 C . 17.50 3.59 17.04
S4 SF4 C . 15.44 6.14 15.46
FE1 SF4 D . 21.54 7.88 0.21
FE2 SF4 D . 23.26 6.65 -1.44
FE3 SF4 D . 20.82 5.71 -1.09
FE4 SF4 D . 22.69 5.55 0.78
S1 SF4 D . 22.75 4.45 -1.23
S2 SF4 D . 20.49 6.14 1.13
S3 SF4 D . 23.76 7.49 0.64
S4 SF4 D . 21.32 7.64 -2.07
N SAM E . 12.15 6.15 16.02
CA SAM E . 11.32 6.17 14.82
C SAM E . 11.13 4.78 14.23
O SAM E . 10.04 4.41 13.82
OXT SAM E . 12.04 3.98 14.15
CB SAM E . 11.95 7.09 13.79
CG SAM E . 12.10 6.55 12.38
SD SAM E . 13.49 5.44 12.01
CE SAM E . 14.97 6.48 11.95
C5' SAM E . 13.15 5.34 10.23
C4' SAM E . 12.30 4.18 9.72
O4' SAM E . 13.18 3.31 9.06
C3' SAM E . 11.56 3.36 10.75
O3' SAM E . 10.43 2.79 10.11
C2' SAM E . 12.51 2.24 11.08
O2' SAM E . 11.88 1.03 11.43
C1' SAM E . 13.22 2.08 9.76
N9 SAM E . 14.63 1.74 9.87
C8 SAM E . 15.64 2.35 10.55
N7 SAM E . 16.77 1.65 10.31
C5 SAM E . 16.47 0.61 9.48
C6 SAM E . 17.20 -0.42 8.91
N6 SAM E . 18.49 -0.55 9.14
N1 SAM E . 16.57 -1.34 8.08
C2 SAM E . 15.21 -1.25 7.83
N3 SAM E . 14.48 -0.23 8.40
C4 SAM E . 15.12 0.67 9.20
C02 7P8 F . 8.46 1.57 4.98
C03 7P8 F . 9.83 1.27 5.60
C04 7P8 F . 10.37 2.47 6.38
C07 7P8 F . 9.27 -1.03 5.82
C08 7P8 F . 8.49 2.84 4.12
C10 7P8 F . 7.16 3.71 2.34
C11 7P8 F . 9.08 4.05 4.90
C13 7P8 F . 10.44 3.73 5.51
C15 7P8 F . 12.06 5.29 5.82
C17 7P8 F . 14.42 4.70 5.54
C18 7P8 F . 15.42 3.63 5.86
C19 7P8 F . 12.46 6.51 6.62
C20 7P8 F . 13.77 7.06 6.15
C21 7P8 F . 14.84 6.01 6.20
N06 7P8 F . 9.72 0.15 6.53
N09 7P8 F . 7.14 3.14 3.68
O01 7P8 F . 7.53 1.72 6.03
O05 7P8 F . 11.66 2.14 6.82
O12 7P8 F . 9.25 5.15 4.03
O14 7P8 F . 10.88 4.82 6.29
O16 7P8 F . 13.09 4.23 5.99
O22 7P8 F . 14.13 8.15 7.04
O23 7P8 F . 11.44 7.53 6.47
S SO4 G . 5.29 5.76 32.24
O1 SO4 G . 5.78 5.53 30.89
O2 SO4 G . 5.14 4.48 32.94
O3 SO4 G . 6.26 6.61 32.94
O4 SO4 G . 4.00 6.43 32.19
S SO4 H . 25.47 27.02 6.01
O1 SO4 H . 25.29 25.89 6.93
O2 SO4 H . 26.07 26.56 4.76
O3 SO4 H . 24.18 27.63 5.72
O4 SO4 H . 26.35 28.02 6.64
NA NA I . 1.98 15.48 23.81
C1 GOL J . 6.08 26.48 18.54
O1 GOL J . 5.11 26.22 19.53
C2 GOL J . 6.74 27.91 18.76
O2 GOL J . 5.91 28.88 19.35
C3 GOL J . 8.03 27.66 19.57
O3 GOL J . 9.04 27.44 18.65
C1 GOL K . 4.73 6.17 5.35
O1 GOL K . 5.00 5.11 4.50
C2 GOL K . 6.10 6.75 5.78
O2 GOL K . 6.77 5.88 6.65
C3 GOL K . 6.85 6.93 4.45
O3 GOL K . 8.10 7.50 4.70
C1 GOL L . 7.85 -7.64 -3.95
O1 GOL L . 7.21 -6.40 -3.82
C2 GOL L . 7.39 -8.53 -2.77
O2 GOL L . 8.44 -9.26 -2.20
C3 GOL L . 6.33 -9.47 -3.40
O3 GOL L . 5.11 -8.82 -3.36
C1 GOL M . 3.43 29.58 12.77
O1 GOL M . 2.10 29.31 12.40
C2 GOL M . 4.14 28.23 13.07
O2 GOL M . 5.47 28.42 13.50
C3 GOL M . 3.28 27.51 14.14
O3 GOL M . 4.18 27.11 15.16
C1 GOL N . 30.63 9.65 18.56
O1 GOL N . 29.95 10.72 17.94
C2 GOL N . 31.86 9.31 17.70
O2 GOL N . 32.58 8.23 18.23
C3 GOL N . 31.27 8.99 16.28
O3 GOL N . 30.97 7.60 16.23
C1 GOL O . 5.05 -2.24 5.34
O1 GOL O . 5.84 -1.09 5.43
C2 GOL O . 5.73 -3.22 4.35
O2 GOL O . 5.98 -4.44 4.95
C3 GOL O . 7.06 -2.55 3.85
O3 GOL O . 6.76 -1.45 3.02
C1 GOL P . 0.19 24.98 -5.74
O1 GOL P . 0.90 26.16 -5.86
C2 GOL P . 0.38 24.56 -4.28
O2 GOL P . 1.72 24.51 -3.92
C3 GOL P . -0.31 23.20 -4.15
O3 GOL P . -0.39 22.94 -2.78
C1 GOL Q . 5.31 0.92 26.05
O1 GOL Q . 4.18 0.28 25.55
C2 GOL Q . 6.56 0.17 25.52
O2 GOL Q . 6.50 -1.19 25.80
C3 GOL Q . 7.77 0.85 26.24
O3 GOL Q . 8.82 -0.07 26.20
CL CL R . -13.08 7.21 26.41
FE1 SF4 S . -17.39 0.64 -11.99
FE2 SF4 S . -19.19 0.72 -13.96
FE3 SF4 S . -19.80 -0.30 -11.74
FE4 SF4 S . -18.07 -1.58 -13.24
S1 SF4 S . -20.27 -1.24 -13.78
S2 SF4 S . -17.92 -1.29 -10.95
S3 SF4 S . -16.99 0.15 -14.20
S4 SF4 S . -19.32 1.87 -11.99
FE1 SF4 T . -20.28 -11.44 1.59
FE2 SF4 T . -20.42 -11.43 -1.06
FE3 SF4 T . -20.17 -13.70 0.29
FE4 SF4 T . -18.07 -12.00 0.19
S1 SF4 T . -19.03 -13.08 -1.61
S2 SF4 T . -18.86 -13.10 2.04
S3 SF4 T . -19.14 -10.04 0.20
S4 SF4 T . -21.95 -12.37 0.34
N SAM U . -16.41 -14.27 -0.36
CA SAM U . -15.08 -13.67 -0.41
C SAM U . -14.96 -12.50 0.52
O SAM U . -14.04 -12.40 1.31
OXT SAM U . -15.76 -11.60 0.51
CB SAM U . -14.68 -13.17 -1.81
CG SAM U . -15.64 -12.26 -2.59
SD SAM U . -15.83 -10.51 -2.11
CE SAM U . -16.84 -9.81 -3.44
C5' SAM U . -14.25 -9.69 -2.39
C4' SAM U . -14.05 -8.38 -1.62
O4' SAM U . -15.01 -7.40 -1.94
C3' SAM U . -14.11 -8.60 -0.12
O3' SAM U . -13.00 -7.93 0.42
C2' SAM U . -15.34 -7.86 0.34
O2' SAM U . -15.08 -7.27 1.59
C1' SAM U . -15.43 -6.78 -0.73
N9 SAM U . -16.77 -6.21 -0.87
C8 SAM U . -17.86 -6.84 -1.40
N7 SAM U . -18.91 -5.98 -1.38
C5 SAM U . -18.49 -4.79 -0.85
C6 SAM U . -19.14 -3.60 -0.60
N6 SAM U . -20.44 -3.48 -0.91
N1 SAM U . -18.46 -2.55 -0.03
C2 SAM U . -17.12 -2.70 0.29
N3 SAM U . -16.46 -3.89 0.04
C4 SAM U . -17.14 -4.93 -0.51
C02 7P8 V . -9.51 -3.44 -0.93
C03 7P8 V . -11.05 -3.48 -0.88
C04 7P8 V . -11.58 -4.76 -1.55
C07 7P8 V . -12.72 -2.71 0.68
C08 7P8 V . -8.92 -3.69 -2.32
C10 7P8 V . -6.75 -3.42 -3.33
C11 7P8 V . -9.51 -4.96 -2.99
C13 7P8 V . -11.04 -4.93 -2.97
C15 7P8 V . -12.32 -5.93 -4.58
C17 7P8 V . -14.54 -5.06 -5.08
C18 7P8 V . -15.74 -4.55 -4.36
C19 7P8 V . -12.70 -7.27 -5.20
C20 7P8 V . -13.62 -7.03 -6.35
C21 7P8 V . -14.86 -6.34 -5.86
N06 7P8 V . -11.47 -3.44 0.52
N09 7P8 V . -7.48 -3.87 -2.14
O01 7P8 V . -9.01 -4.42 -0.04
O05 7P8 V . -12.99 -4.68 -1.60
O12 7P8 V . -9.11 -5.07 -4.34
O14 7P8 V . -11.48 -6.16 -3.52
O16 7P8 V . -13.54 -5.31 -4.03
O22 7P8 V . -13.97 -8.30 -7.03
O23 7P8 V . -11.49 -7.90 -5.62
S SO4 W . -20.34 -28.99 -8.45
O1 SO4 W . -21.46 -29.83 -8.00
O2 SO4 W . -19.45 -29.77 -9.32
O3 SO4 W . -20.84 -27.83 -9.20
O4 SO4 W . -19.60 -28.52 -7.28
S SO4 X . -22.83 -24.97 -1.89
O1 SO4 X . -24.12 -25.16 -2.59
O2 SO4 X . -22.40 -26.23 -1.29
O3 SO4 X . -21.82 -24.55 -2.86
O4 SO4 X . -22.99 -23.94 -0.86
S SO4 Y . -12.83 -34.40 -11.11
O1 SO4 Y . -12.12 -34.30 -12.39
O2 SO4 Y . -12.71 -35.78 -10.60
O3 SO4 Y . -14.24 -34.08 -11.33
O4 SO4 Y . -12.27 -33.47 -10.13
S SO4 Z . -19.63 -17.37 -26.52
O1 SO4 Z . -20.65 -18.38 -26.73
O2 SO4 Z . -18.35 -18.01 -26.22
O3 SO4 Z . -19.99 -16.54 -25.37
O4 SO4 Z . -19.51 -16.52 -27.70
S SO4 AA . -31.97 -9.92 -23.32
O1 SO4 AA . -33.03 -9.69 -24.30
O2 SO4 AA . -30.79 -10.49 -23.97
O3 SO4 AA . -31.60 -8.66 -22.68
O4 SO4 AA . -32.45 -10.86 -22.31
NA NA BA . -17.39 5.43 -8.39
NA NA CA . -23.01 -5.55 4.36
NA NA DA . -11.01 -2.41 -14.94
NA NA EA . -4.60 -1.29 -28.64
C1 GOL FA . -3.53 -6.48 -2.86
O1 GOL FA . -3.62 -5.22 -3.50
C2 GOL FA . -4.73 -6.59 -1.89
O2 GOL FA . -4.60 -7.67 -1.02
C3 GOL FA . -5.95 -6.78 -2.78
O3 GOL FA . -6.37 -8.11 -2.66
C1 GOL GA . -29.49 -18.56 -4.50
O1 GOL GA . -30.37 -17.45 -4.46
C2 GOL GA . -30.09 -19.64 -3.56
O2 GOL GA . -30.07 -19.23 -2.24
C3 GOL GA . -29.26 -20.95 -3.81
O3 GOL GA . -30.19 -21.95 -4.22
C1 GOL HA . 6.32 -12.16 -21.54
O1 GOL HA . 6.74 -13.26 -22.30
C2 GOL HA . 7.02 -12.26 -20.18
O2 GOL HA . 8.10 -11.41 -20.13
C3 GOL HA . 5.93 -11.91 -19.14
O3 GOL HA . 5.14 -13.03 -18.94
C1 EDO IA . -34.82 -1.82 -2.04
O1 EDO IA . -34.09 -0.66 -2.46
C2 EDO IA . -34.73 -1.94 -0.53
O2 EDO IA . -35.90 -1.33 0.02
#